data_6CGU
#
_entry.id   6CGU
#
_cell.length_a   114.348
_cell.length_b   141.647
_cell.length_c   142.195
_cell.angle_alpha   90.00
_cell.angle_beta   90.00
_cell.angle_gamma   90.00
#
_symmetry.space_group_name_H-M   'C 2 2 21'
#
loop_
_entity.id
_entity.type
_entity.pdbx_description
1 polymer Cadherin-6
2 non-polymer 'CALCIUM ION'
3 water water
#
_entity_poly.entity_id   1
_entity_poly.type   'polypeptide(L)'
_entity_poly.pdbx_seq_one_letter_code
;SWMWNQFFLLEEYTGSDYQYVGKLHSDQDRGDGSLKYILSGDGAGDLFIINENTGDIQATKRLDREEKPVYILRAQAVNR
RTGRPVEPESEFIIKIHDINDNEPIFTKDVYTATVPEMADVGTFVVQVTATDADDPTYGNSAKVVYSILQGQPYFSVESE
TGIIKTALLNMDRENREQYQVVIQAKDMGGQMGGLSGTTTVNITLTD
;
_entity_poly.pdbx_strand_id   A,B,C,D
#
# COMPACT_ATOMS: atom_id res chain seq x y z
N SER A 1 -38.38 -5.93 6.97
CA SER A 1 -37.72 -5.45 8.22
C SER A 1 -36.21 -5.53 8.10
N TRP A 2 -35.51 -4.50 8.59
CA TRP A 2 -34.07 -4.50 8.57
C TRP A 2 -33.52 -5.47 9.61
N MET A 3 -32.45 -6.18 9.24
CA MET A 3 -31.74 -7.07 10.16
C MET A 3 -30.48 -6.37 10.64
N TRP A 4 -30.45 -6.00 11.92
CA TRP A 4 -29.33 -5.26 12.49
C TRP A 4 -28.53 -6.03 13.52
N ASN A 5 -29.07 -7.12 14.07
CA ASN A 5 -28.51 -7.72 15.28
C ASN A 5 -27.34 -8.65 14.90
N GLN A 6 -26.26 -8.02 14.45
CA GLN A 6 -25.06 -8.78 14.11
C GLN A 6 -23.83 -7.90 14.26
N PHE A 7 -22.70 -8.55 14.49
CA PHE A 7 -21.39 -7.93 14.50
C PHE A 7 -20.54 -8.61 13.42
N PHE A 8 -19.57 -7.87 12.91
CA PHE A 8 -18.67 -8.37 11.88
C PHE A 8 -17.25 -8.32 12.41
N LEU A 9 -16.56 -9.45 12.30
CA LEU A 9 -15.25 -9.63 12.93
C LEU A 9 -14.29 -10.21 11.92
N LEU A 10 -13.19 -9.49 11.67
CA LEU A 10 -12.18 -9.95 10.73
CA LEU A 10 -12.19 -9.95 10.73
C LEU A 10 -11.51 -11.22 11.23
N GLU A 11 -11.39 -12.20 10.35
CA GLU A 11 -10.69 -13.44 10.69
C GLU A 11 -9.19 -13.20 10.78
N GLU A 12 -8.52 -14.10 11.52
CA GLU A 12 -7.06 -14.26 11.49
C GLU A 12 -6.34 -13.06 12.13
N TYR A 13 -6.99 -12.46 13.13
CA TYR A 13 -6.40 -11.34 13.87
C TYR A 13 -5.08 -11.76 14.52
N THR A 14 -4.07 -10.89 14.40
CA THR A 14 -2.77 -11.13 15.02
C THR A 14 -2.32 -9.99 15.93
N GLY A 15 -3.16 -8.98 16.15
CA GLY A 15 -2.81 -7.88 17.04
C GLY A 15 -2.39 -8.35 18.42
N SER A 16 -1.78 -7.45 19.19
CA SER A 16 -1.23 -7.83 20.48
C SER A 16 -2.34 -8.03 21.52
N ASP A 17 -3.26 -7.07 21.62
CA ASP A 17 -4.32 -7.13 22.61
C ASP A 17 -5.52 -7.88 22.03
N TYR A 18 -6.62 -7.89 22.77
CA TYR A 18 -7.83 -8.56 22.30
C TYR A 18 -8.49 -7.76 21.18
N GLN A 19 -9.08 -8.50 20.24
CA GLN A 19 -9.76 -7.90 19.09
C GLN A 19 -11.13 -7.39 19.51
N TYR A 20 -11.43 -6.15 19.16
CA TYR A 20 -12.71 -5.54 19.51
C TYR A 20 -13.80 -6.02 18.55
N VAL A 21 -14.93 -6.43 19.11
CA VAL A 21 -16.07 -6.91 18.34
C VAL A 21 -17.11 -5.82 18.14
N GLY A 22 -17.45 -5.11 19.20
CA GLY A 22 -18.54 -4.15 19.17
C GLY A 22 -19.10 -3.98 20.57
N LYS A 23 -20.22 -3.28 20.64
CA LYS A 23 -20.83 -2.93 21.92
C LYS A 23 -22.31 -3.26 21.91
N LEU A 24 -22.73 -4.10 22.86
CA LEU A 24 -24.15 -4.19 23.19
C LEU A 24 -24.54 -2.98 24.00
N HIS A 25 -25.77 -2.53 23.83
CA HIS A 25 -26.20 -1.38 24.61
CA HIS A 25 -26.19 -1.38 24.60
C HIS A 25 -27.70 -1.18 24.48
N SER A 26 -28.32 -0.91 25.61
CA SER A 26 -29.74 -0.59 25.70
C SER A 26 -29.88 0.92 25.79
N ASP A 27 -30.89 1.47 25.10
CA ASP A 27 -31.16 2.88 25.24
C ASP A 27 -31.74 3.23 26.61
N GLN A 28 -31.93 2.24 27.48
CA GLN A 28 -32.37 2.47 28.84
C GLN A 28 -31.21 2.61 29.82
N ASP A 29 -29.98 2.46 29.34
CA ASP A 29 -28.80 2.59 30.19
C ASP A 29 -28.46 4.06 30.37
N ARG A 30 -28.55 4.55 31.60
CA ARG A 30 -28.17 5.91 31.92
C ARG A 30 -26.71 6.03 32.36
N GLY A 31 -25.94 4.95 32.26
CA GLY A 31 -24.54 4.99 32.64
C GLY A 31 -24.30 5.19 34.13
N ASP A 32 -25.30 4.92 34.97
CA ASP A 32 -25.15 5.08 36.41
C ASP A 32 -24.66 3.80 37.10
N GLY A 33 -24.24 2.79 36.34
CA GLY A 33 -23.72 1.58 36.92
C GLY A 33 -24.77 0.63 37.48
N SER A 34 -26.06 0.92 37.28
CA SER A 34 -27.12 0.07 37.77
C SER A 34 -27.46 -1.06 36.80
N LEU A 35 -26.99 -0.98 35.57
CA LEU A 35 -27.28 -2.00 34.56
CA LEU A 35 -27.28 -2.00 34.56
C LEU A 35 -26.08 -2.94 34.39
N LYS A 36 -26.40 -4.18 34.06
CA LYS A 36 -25.40 -5.22 33.81
C LYS A 36 -25.73 -5.89 32.48
N TYR A 37 -24.74 -6.01 31.61
CA TYR A 37 -24.89 -6.72 30.35
C TYR A 37 -24.38 -8.15 30.51
N ILE A 38 -25.13 -9.11 30.00
CA ILE A 38 -24.77 -10.52 30.11
C ILE A 38 -24.69 -11.13 28.72
N LEU A 39 -23.64 -11.89 28.48
CA LEU A 39 -23.41 -12.57 27.22
C LEU A 39 -23.57 -14.06 27.44
N SER A 40 -24.33 -14.72 26.56
CA SER A 40 -24.44 -16.17 26.59
C SER A 40 -24.41 -16.70 25.16
N GLY A 41 -24.28 -18.01 25.04
CA GLY A 41 -24.33 -18.67 23.76
C GLY A 41 -22.98 -19.18 23.31
N ASP A 42 -22.86 -19.33 21.99
CA ASP A 42 -21.74 -20.03 21.36
C ASP A 42 -20.46 -19.20 21.52
N GLY A 43 -19.60 -19.63 22.44
CA GLY A 43 -18.33 -18.95 22.68
C GLY A 43 -18.37 -17.94 23.81
N ALA A 44 -19.53 -17.70 24.40
CA ALA A 44 -19.63 -16.74 25.50
C ALA A 44 -18.82 -17.22 26.68
N GLY A 45 -18.00 -16.31 27.23
CA GLY A 45 -17.27 -16.57 28.44
C GLY A 45 -15.81 -16.93 28.25
N ASP A 46 -15.42 -17.40 27.06
CA ASP A 46 -14.02 -17.69 26.80
C ASP A 46 -13.57 -17.07 25.49
N LEU A 47 -14.18 -17.48 24.37
CA LEU A 47 -13.83 -16.91 23.07
C LEU A 47 -14.26 -15.46 22.98
N PHE A 48 -15.48 -15.15 23.41
CA PHE A 48 -16.01 -13.80 23.41
C PHE A 48 -16.30 -13.42 24.85
N ILE A 49 -15.74 -12.30 25.29
CA ILE A 49 -15.95 -11.79 26.64
C ILE A 49 -16.58 -10.41 26.55
N ILE A 50 -17.30 -10.03 27.60
CA ILE A 50 -18.03 -8.78 27.62
C ILE A 50 -17.63 -8.00 28.87
N ASN A 51 -17.55 -6.68 28.72
CA ASN A 51 -17.49 -5.78 29.87
C ASN A 51 -18.90 -5.59 30.37
N GLU A 52 -19.22 -6.17 31.52
CA GLU A 52 -20.60 -6.20 31.98
C GLU A 52 -21.13 -4.80 32.27
N ASN A 53 -20.25 -3.82 32.49
CA ASN A 53 -20.70 -2.46 32.79
C ASN A 53 -21.06 -1.69 31.53
N THR A 54 -20.33 -1.90 30.44
CA THR A 54 -20.46 -1.08 29.23
C THR A 54 -21.06 -1.79 28.04
N GLY A 55 -21.05 -3.13 28.03
CA GLY A 55 -21.51 -3.88 26.88
C GLY A 55 -20.45 -4.16 25.83
N ASP A 56 -19.22 -3.70 26.03
CA ASP A 56 -18.16 -3.92 25.06
C ASP A 56 -17.79 -5.40 25.00
N ILE A 57 -17.74 -5.94 23.78
CA ILE A 57 -17.39 -7.33 23.53
C ILE A 57 -16.00 -7.40 22.89
N GLN A 58 -15.18 -8.34 23.35
CA GLN A 58 -13.88 -8.62 22.78
C GLN A 58 -13.77 -10.09 22.44
N ALA A 59 -12.97 -10.40 21.42
CA ALA A 59 -12.62 -11.78 21.08
C ALA A 59 -11.22 -12.08 21.62
N THR A 60 -11.06 -13.27 22.20
CA THR A 60 -9.85 -13.63 22.91
C THR A 60 -8.93 -14.57 22.14
N LYS A 61 -9.32 -14.96 20.93
CA LYS A 61 -8.54 -15.92 20.15
C LYS A 61 -8.66 -15.58 18.68
N ARG A 62 -7.57 -15.81 17.96
CA ARG A 62 -7.57 -15.70 16.51
C ARG A 62 -8.58 -16.67 15.91
N LEU A 63 -9.46 -16.16 15.05
CA LEU A 63 -10.51 -16.96 14.44
C LEU A 63 -10.26 -17.17 12.95
N ASP A 64 -10.79 -18.28 12.43
CA ASP A 64 -10.60 -18.70 11.05
C ASP A 64 -11.97 -18.87 10.41
N ARG A 65 -12.29 -18.04 9.41
CA ARG A 65 -13.60 -18.10 8.79
C ARG A 65 -13.80 -19.46 8.10
N GLU A 66 -12.74 -20.02 7.54
CA GLU A 66 -12.83 -21.29 6.84
C GLU A 66 -13.13 -22.45 7.79
N GLU A 67 -12.84 -22.29 9.08
CA GLU A 67 -13.19 -23.31 10.07
C GLU A 67 -14.60 -23.12 10.59
N LYS A 68 -14.98 -21.88 10.92
CA LYS A 68 -16.30 -21.59 11.46
C LYS A 68 -16.67 -20.15 11.12
N PRO A 69 -17.71 -19.93 10.29
CA PRO A 69 -17.96 -18.57 9.79
C PRO A 69 -18.90 -17.72 10.62
N VAL A 70 -19.67 -18.31 11.53
CA VAL A 70 -20.67 -17.54 12.27
C VAL A 70 -20.87 -18.15 13.65
N TYR A 71 -21.14 -17.28 14.62
CA TYR A 71 -21.45 -17.67 15.99
C TYR A 71 -22.78 -17.03 16.40
N ILE A 72 -23.63 -17.82 17.04
CA ILE A 72 -24.93 -17.36 17.53
C ILE A 72 -24.82 -17.12 19.03
N LEU A 73 -25.12 -15.91 19.47
CA LEU A 73 -25.04 -15.56 20.88
C LEU A 73 -26.35 -14.93 21.32
N ARG A 74 -26.43 -14.63 22.61
CA ARG A 74 -27.61 -13.98 23.18
C ARG A 74 -27.15 -12.88 24.14
N ALA A 75 -27.90 -11.79 24.14
CA ALA A 75 -27.59 -10.61 24.93
C ALA A 75 -28.69 -10.39 25.96
N GLN A 76 -28.28 -10.06 27.19
CA GLN A 76 -29.21 -9.65 28.23
C GLN A 76 -28.77 -8.33 28.82
N ALA A 77 -29.75 -7.55 29.27
CA ALA A 77 -29.52 -6.34 30.04
C ALA A 77 -30.42 -6.40 31.26
N VAL A 78 -29.83 -6.39 32.46
CA VAL A 78 -30.58 -6.59 33.69
C VAL A 78 -30.14 -5.56 34.73
N ASN A 79 -30.98 -5.36 35.73
CA ASN A 79 -30.59 -4.57 36.87
C ASN A 79 -29.52 -5.30 37.66
N ARG A 80 -28.41 -4.60 37.94
CA ARG A 80 -27.25 -5.23 38.58
C ARG A 80 -27.61 -5.78 39.96
N ARG A 81 -28.49 -5.10 40.69
CA ARG A 81 -28.72 -5.49 42.08
C ARG A 81 -29.86 -6.50 42.25
N THR A 82 -30.79 -6.58 41.28
CA THR A 82 -31.90 -7.52 41.37
C THR A 82 -31.89 -8.60 40.29
N GLY A 83 -31.09 -8.43 39.24
CA GLY A 83 -31.16 -9.34 38.11
C GLY A 83 -32.41 -9.21 37.27
N ARG A 84 -33.32 -8.30 37.58
CA ARG A 84 -34.56 -8.18 36.82
C ARG A 84 -34.27 -7.60 35.42
N PRO A 85 -34.84 -8.19 34.36
CA PRO A 85 -34.47 -7.75 33.01
C PRO A 85 -34.90 -6.33 32.71
N VAL A 86 -34.01 -5.59 32.06
CA VAL A 86 -34.30 -4.25 31.55
C VAL A 86 -34.63 -4.30 30.06
N GLU A 87 -33.96 -5.18 29.33
CA GLU A 87 -34.30 -5.51 27.95
C GLU A 87 -34.65 -6.99 27.88
N PRO A 88 -35.52 -7.37 26.95
CA PRO A 88 -35.72 -8.81 26.71
C PRO A 88 -34.45 -9.43 26.13
N GLU A 89 -34.16 -10.65 26.57
CA GLU A 89 -33.06 -11.40 26.00
C GLU A 89 -33.19 -11.46 24.49
N SER A 90 -32.08 -11.31 23.78
CA SER A 90 -32.12 -11.23 22.32
C SER A 90 -30.93 -11.96 21.71
N GLU A 91 -31.21 -12.72 20.67
CA GLU A 91 -30.19 -13.40 19.90
C GLU A 91 -29.47 -12.41 18.99
N PHE A 92 -28.18 -12.67 18.76
CA PHE A 92 -27.42 -11.91 17.77
C PHE A 92 -26.28 -12.80 17.29
N ILE A 93 -25.70 -12.43 16.17
CA ILE A 93 -24.65 -13.25 15.55
C ILE A 93 -23.36 -12.45 15.45
N ILE A 94 -22.26 -13.16 15.59
CA ILE A 94 -20.94 -12.65 15.26
C ILE A 94 -20.53 -13.34 13.96
N LYS A 95 -20.43 -12.55 12.90
CA LYS A 95 -20.08 -13.02 11.57
C LYS A 95 -18.59 -12.83 11.36
N ILE A 96 -17.89 -13.90 10.99
CA ILE A 96 -16.46 -13.83 10.75
C ILE A 96 -16.23 -13.42 9.30
N HIS A 97 -15.52 -12.32 9.09
CA HIS A 97 -15.34 -11.77 7.76
C HIS A 97 -14.03 -12.26 7.13
N ASP A 98 -14.09 -12.48 5.81
CA ASP A 98 -13.03 -13.17 5.08
C ASP A 98 -11.84 -12.26 4.79
N ILE A 99 -10.64 -12.84 4.86
CA ILE A 99 -9.45 -12.31 4.20
C ILE A 99 -8.96 -13.37 3.23
N ASN A 100 -8.12 -12.93 2.28
CA ASN A 100 -7.61 -13.83 1.25
C ASN A 100 -6.39 -14.56 1.81
N ASP A 101 -6.62 -15.70 2.46
CA ASP A 101 -5.54 -16.46 3.07
C ASP A 101 -5.49 -17.91 2.62
N ASN A 102 -6.19 -18.27 1.54
CA ASN A 102 -6.09 -19.60 0.96
C ASN A 102 -5.71 -19.50 -0.50
N GLU A 103 -4.70 -20.30 -0.90
CA GLU A 103 -4.23 -20.32 -2.27
CA GLU A 103 -4.27 -20.29 -2.28
C GLU A 103 -5.10 -21.26 -3.11
N PRO A 104 -5.23 -20.98 -4.41
CA PRO A 104 -5.91 -21.95 -5.28
C PRO A 104 -5.21 -23.30 -5.23
N ILE A 105 -6.00 -24.37 -5.22
CA ILE A 105 -5.49 -25.75 -5.17
C ILE A 105 -6.14 -26.52 -6.31
N PHE A 106 -5.30 -27.07 -7.20
CA PHE A 106 -5.83 -27.85 -8.31
C PHE A 106 -6.36 -29.20 -7.81
N THR A 107 -7.41 -29.67 -8.48
CA THR A 107 -7.99 -30.95 -8.11
C THR A 107 -7.01 -32.09 -8.30
N LYS A 108 -6.06 -31.93 -9.23
CA LYS A 108 -4.99 -32.89 -9.44
C LYS A 108 -3.68 -32.14 -9.59
N ASP A 109 -2.61 -32.73 -9.04
CA ASP A 109 -1.27 -32.20 -9.30
C ASP A 109 -0.79 -32.55 -10.70
N VAL A 110 -1.26 -33.67 -11.25
CA VAL A 110 -0.92 -34.13 -12.59
C VAL A 110 -2.21 -34.52 -13.30
N TYR A 111 -2.52 -33.85 -14.40
CA TYR A 111 -3.60 -34.25 -15.28
C TYR A 111 -3.03 -35.01 -16.47
N THR A 112 -3.81 -35.96 -16.98
CA THR A 112 -3.45 -36.75 -18.14
C THR A 112 -4.53 -36.58 -19.20
N ALA A 113 -4.11 -36.28 -20.44
CA ALA A 113 -5.05 -35.95 -21.49
C ALA A 113 -4.48 -36.35 -22.84
N THR A 114 -5.36 -36.44 -23.83
CA THR A 114 -4.98 -36.72 -25.19
C THR A 114 -5.73 -35.79 -26.13
N VAL A 115 -5.15 -35.57 -27.30
CA VAL A 115 -5.80 -34.82 -28.37
C VAL A 115 -5.29 -35.38 -29.69
N PRO A 116 -6.11 -35.44 -30.73
CA PRO A 116 -5.61 -35.92 -32.03
C PRO A 116 -4.56 -34.98 -32.61
N GLU A 117 -3.57 -35.55 -33.27
CA GLU A 117 -2.64 -34.75 -34.05
C GLU A 117 -3.40 -34.00 -35.14
N MET A 118 -2.76 -32.96 -35.68
CA MET A 118 -3.31 -32.20 -36.80
C MET A 118 -4.71 -31.68 -36.49
N ALA A 119 -5.00 -31.46 -35.21
CA ALA A 119 -6.28 -30.89 -34.82
C ALA A 119 -6.36 -29.41 -35.22
N ASP A 120 -7.57 -28.95 -35.48
CA ASP A 120 -7.79 -27.54 -35.75
C ASP A 120 -7.53 -26.73 -34.49
N VAL A 121 -7.12 -25.47 -34.68
CA VAL A 121 -6.96 -24.58 -33.55
C VAL A 121 -8.26 -24.51 -32.77
N GLY A 122 -8.17 -24.60 -31.45
CA GLY A 122 -9.32 -24.52 -30.58
C GLY A 122 -9.93 -25.85 -30.19
N THR A 123 -9.27 -26.96 -30.51
CA THR A 123 -9.82 -28.27 -30.19
C THR A 123 -9.68 -28.51 -28.69
N PHE A 124 -10.77 -28.96 -28.06
CA PHE A 124 -10.75 -29.22 -26.63
C PHE A 124 -9.73 -30.30 -26.28
N VAL A 125 -8.90 -30.03 -25.27
CA VAL A 125 -7.95 -31.01 -24.74
C VAL A 125 -8.42 -31.52 -23.37
N VAL A 126 -8.52 -30.63 -22.38
CA VAL A 126 -8.88 -31.02 -21.03
C VAL A 126 -9.21 -29.76 -20.25
N GLN A 127 -10.01 -29.90 -19.18
CA GLN A 127 -10.34 -28.79 -18.30
C GLN A 127 -9.70 -29.04 -16.94
N VAL A 128 -8.89 -28.08 -16.48
CA VAL A 128 -8.31 -28.13 -15.16
C VAL A 128 -9.11 -27.20 -14.25
N THR A 129 -9.08 -27.49 -12.95
CA THR A 129 -9.87 -26.75 -11.97
C THR A 129 -9.06 -26.55 -10.71
N ALA A 130 -9.01 -25.32 -10.23
CA ALA A 130 -8.39 -24.99 -8.95
C ALA A 130 -9.47 -24.45 -8.04
N THR A 131 -9.65 -25.08 -6.88
CA THR A 131 -10.59 -24.58 -5.89
C THR A 131 -9.89 -23.58 -4.99
N ASP A 132 -10.70 -22.76 -4.31
CA ASP A 132 -10.19 -21.73 -3.43
C ASP A 132 -11.12 -21.67 -2.24
N ALA A 133 -10.57 -21.84 -1.03
CA ALA A 133 -11.40 -21.99 0.16
C ALA A 133 -11.91 -20.66 0.70
N ASP A 134 -11.48 -19.54 0.14
CA ASP A 134 -11.94 -18.25 0.65
C ASP A 134 -13.39 -18.01 0.20
N ASP A 135 -13.91 -16.82 0.53
CA ASP A 135 -15.34 -16.55 0.45
C ASP A 135 -15.67 -16.07 -0.95
N PRO A 136 -16.40 -16.86 -1.76
CA PRO A 136 -16.71 -16.40 -3.13
C PRO A 136 -17.75 -15.29 -3.17
N THR A 137 -18.47 -15.03 -2.08
CA THR A 137 -19.53 -14.03 -2.09
C THR A 137 -19.04 -12.62 -1.77
N TYR A 138 -17.77 -12.45 -1.39
CA TYR A 138 -17.25 -11.12 -1.10
C TYR A 138 -15.85 -10.97 -1.69
N GLY A 139 -15.65 -9.87 -2.42
CA GLY A 139 -14.34 -9.59 -2.96
C GLY A 139 -13.90 -10.61 -3.99
N ASN A 140 -12.60 -10.58 -4.30
CA ASN A 140 -12.00 -11.43 -5.31
C ASN A 140 -11.12 -12.53 -4.71
N SER A 141 -11.20 -12.73 -3.40
CA SER A 141 -10.29 -13.66 -2.73
C SER A 141 -10.41 -15.09 -3.27
N ALA A 142 -11.58 -15.44 -3.80
CA ALA A 142 -11.82 -16.77 -4.34
C ALA A 142 -12.09 -16.76 -5.84
N LYS A 143 -11.76 -15.66 -6.52
CA LYS A 143 -11.95 -15.55 -7.96
C LYS A 143 -10.63 -15.90 -8.64
N VAL A 144 -10.63 -17.05 -9.31
CA VAL A 144 -9.42 -17.68 -9.83
C VAL A 144 -9.33 -17.42 -11.33
N VAL A 145 -8.13 -17.15 -11.82
CA VAL A 145 -7.86 -17.03 -13.24
C VAL A 145 -6.74 -17.98 -13.62
N TYR A 146 -6.88 -18.62 -14.77
CA TYR A 146 -5.93 -19.62 -15.24
C TYR A 146 -5.03 -19.02 -16.31
N SER A 147 -3.76 -19.44 -16.31
CA SER A 147 -2.80 -18.99 -17.31
C SER A 147 -1.79 -20.10 -17.55
N ILE A 148 -1.24 -20.13 -18.74
CA ILE A 148 -0.29 -21.17 -19.13
C ILE A 148 1.12 -20.65 -18.88
N LEU A 149 1.85 -21.35 -18.01
CA LEU A 149 3.25 -21.05 -17.77
C LEU A 149 4.16 -21.73 -18.79
N GLN A 150 3.78 -22.92 -19.24
CA GLN A 150 4.56 -23.71 -20.18
C GLN A 150 3.59 -24.40 -21.12
N GLY A 151 3.80 -24.24 -22.43
CA GLY A 151 2.99 -24.93 -23.42
C GLY A 151 2.54 -24.07 -24.58
N GLN A 152 2.74 -22.76 -24.49
CA GLN A 152 2.51 -21.88 -25.63
C GLN A 152 3.63 -22.07 -26.63
N PRO A 153 3.36 -21.88 -27.93
CA PRO A 153 2.08 -21.54 -28.57
C PRO A 153 1.26 -22.77 -28.93
N TYR A 154 1.73 -23.93 -28.48
CA TYR A 154 1.08 -25.18 -28.84
C TYR A 154 -0.33 -25.26 -28.27
N PHE A 155 -0.55 -24.66 -27.11
CA PHE A 155 -1.82 -24.75 -26.42
C PHE A 155 -2.17 -23.40 -25.83
N SER A 156 -3.45 -23.24 -25.52
CA SER A 156 -3.97 -22.08 -24.82
C SER A 156 -4.83 -22.57 -23.66
N VAL A 157 -5.14 -21.67 -22.73
CA VAL A 157 -6.08 -21.97 -21.67
C VAL A 157 -7.03 -20.79 -21.51
N GLU A 158 -8.32 -21.09 -21.37
CA GLU A 158 -9.31 -20.07 -21.07
C GLU A 158 -9.11 -19.55 -19.64
N SER A 159 -9.00 -18.23 -19.49
CA SER A 159 -8.62 -17.67 -18.19
C SER A 159 -9.66 -17.95 -17.12
N GLU A 160 -10.94 -18.02 -17.48
CA GLU A 160 -11.99 -18.15 -16.47
C GLU A 160 -12.36 -19.60 -16.15
N THR A 161 -12.09 -20.54 -17.05
CA THR A 161 -12.61 -21.89 -16.94
C THR A 161 -11.55 -22.97 -16.80
N GLY A 162 -10.31 -22.70 -17.15
CA GLY A 162 -9.29 -23.73 -17.15
C GLY A 162 -9.35 -24.68 -18.31
N ILE A 163 -10.11 -24.36 -19.36
CA ILE A 163 -10.22 -25.23 -20.52
C ILE A 163 -8.99 -25.05 -21.39
N ILE A 164 -8.22 -26.13 -21.57
CA ILE A 164 -7.03 -26.12 -22.42
C ILE A 164 -7.42 -26.56 -23.83
N LYS A 165 -6.92 -25.84 -24.83
CA LYS A 165 -7.21 -26.11 -26.24
C LYS A 165 -5.93 -26.09 -27.04
N THR A 166 -5.95 -26.78 -28.18
CA THR A 166 -4.84 -26.64 -29.11
C THR A 166 -4.82 -25.22 -29.67
N ALA A 167 -3.61 -24.74 -29.96
CA ALA A 167 -3.43 -23.38 -30.44
C ALA A 167 -2.51 -23.29 -31.64
N LEU A 168 -1.97 -24.40 -32.11
CA LEU A 168 -1.05 -24.41 -33.24
C LEU A 168 -1.55 -25.41 -34.28
N LEU A 169 -1.57 -24.98 -35.54
CA LEU A 169 -1.96 -25.87 -36.63
C LEU A 169 -0.85 -26.87 -36.94
N ASN A 170 -1.25 -28.02 -37.47
CA ASN A 170 -0.35 -28.99 -38.07
C ASN A 170 0.65 -29.56 -37.07
N MET A 171 0.20 -29.84 -35.85
CA MET A 171 1.04 -30.54 -34.88
C MET A 171 1.14 -32.02 -35.27
N ASP A 172 2.37 -32.46 -35.58
CA ASP A 172 2.61 -33.79 -36.13
C ASP A 172 3.07 -34.72 -35.02
N ARG A 173 2.31 -35.79 -34.79
CA ARG A 173 2.68 -36.77 -33.77
C ARG A 173 4.06 -37.36 -34.05
N GLU A 174 4.40 -37.54 -35.33
CA GLU A 174 5.71 -38.08 -35.68
C GLU A 174 6.83 -37.12 -35.29
N ASN A 175 6.54 -35.82 -35.23
CA ASN A 175 7.53 -34.84 -34.79
C ASN A 175 7.70 -34.89 -33.27
N ARG A 176 6.68 -34.47 -32.54
CA ARG A 176 6.64 -34.64 -31.09
C ARG A 176 5.28 -35.17 -30.69
N GLU A 177 5.28 -36.23 -29.87
CA GLU A 177 4.05 -36.90 -29.45
C GLU A 177 3.54 -36.44 -28.09
N GLN A 178 4.44 -36.02 -27.19
CA GLN A 178 4.06 -35.67 -25.83
C GLN A 178 4.41 -34.22 -25.53
N TYR A 179 3.49 -33.54 -24.87
CA TYR A 179 3.68 -32.16 -24.41
C TYR A 179 3.36 -32.09 -22.92
N GLN A 180 4.22 -31.43 -22.16
CA GLN A 180 3.99 -31.19 -20.74
C GLN A 180 3.61 -29.72 -20.57
N VAL A 181 2.36 -29.47 -20.21
CA VAL A 181 1.84 -28.13 -19.99
C VAL A 181 1.80 -27.87 -18.49
N VAL A 182 2.12 -26.64 -18.09
CA VAL A 182 1.99 -26.19 -16.72
C VAL A 182 0.99 -25.04 -16.69
N ILE A 183 -0.02 -25.15 -15.82
CA ILE A 183 -1.05 -24.12 -15.68
C ILE A 183 -0.93 -23.50 -14.30
N GLN A 184 -1.10 -22.19 -14.25
CA GLN A 184 -1.17 -21.46 -12.98
C GLN A 184 -2.61 -21.03 -12.72
N ALA A 185 -3.03 -21.17 -11.47
CA ALA A 185 -4.27 -20.57 -10.99
C ALA A 185 -3.89 -19.49 -9.97
N LYS A 186 -4.41 -18.27 -10.16
CA LYS A 186 -4.15 -17.16 -9.27
C LYS A 186 -5.46 -16.52 -8.87
N ASP A 187 -5.63 -16.25 -7.57
CA ASP A 187 -6.87 -15.65 -7.09
C ASP A 187 -6.75 -14.13 -7.19
N MET A 188 -7.67 -13.40 -6.55
CA MET A 188 -7.77 -11.95 -6.70
C MET A 188 -7.94 -11.58 -8.17
N GLY A 189 -8.52 -12.48 -8.96
CA GLY A 189 -8.68 -12.23 -10.38
C GLY A 189 -7.38 -12.05 -11.12
N GLY A 190 -6.30 -12.61 -10.58
CA GLY A 190 -4.98 -12.43 -11.19
C GLY A 190 -4.34 -11.10 -10.90
N GLN A 191 -4.89 -10.30 -9.99
CA GLN A 191 -4.37 -8.98 -9.71
C GLN A 191 -3.26 -9.05 -8.67
N MET A 192 -2.61 -7.91 -8.47
CA MET A 192 -1.41 -7.84 -7.63
C MET A 192 -1.69 -8.39 -6.24
N GLY A 193 -0.78 -9.26 -5.77
CA GLY A 193 -0.91 -9.86 -4.47
C GLY A 193 -1.68 -11.16 -4.44
N GLY A 194 -2.31 -11.55 -5.55
CA GLY A 194 -3.05 -12.80 -5.56
C GLY A 194 -2.16 -13.99 -5.23
N LEU A 195 -2.77 -14.97 -4.59
CA LEU A 195 -2.12 -16.23 -4.28
C LEU A 195 -2.30 -17.18 -5.46
N SER A 196 -1.36 -18.09 -5.62
CA SER A 196 -1.37 -18.93 -6.82
C SER A 196 -0.98 -20.36 -6.51
N GLY A 197 -1.44 -21.26 -7.37
CA GLY A 197 -0.96 -22.62 -7.42
C GLY A 197 -0.80 -23.06 -8.86
N THR A 198 -0.16 -24.21 -9.05
CA THR A 198 0.13 -24.71 -10.39
C THR A 198 -0.24 -26.18 -10.50
N THR A 199 -0.38 -26.64 -11.74
CA THR A 199 -0.56 -28.05 -12.03
C THR A 199 0.18 -28.39 -13.31
N THR A 200 0.41 -29.68 -13.49
CA THR A 200 1.06 -30.22 -14.67
C THR A 200 0.07 -31.03 -15.49
N VAL A 201 0.06 -30.83 -16.80
CA VAL A 201 -0.83 -31.54 -17.72
C VAL A 201 0.04 -32.23 -18.74
N ASN A 202 0.02 -33.57 -18.74
CA ASN A 202 0.76 -34.36 -19.72
C ASN A 202 -0.18 -34.72 -20.86
N ILE A 203 0.08 -34.15 -22.03
CA ILE A 203 -0.77 -34.28 -23.21
C ILE A 203 -0.07 -35.19 -24.21
N THR A 204 -0.81 -36.19 -24.71
CA THR A 204 -0.30 -37.10 -25.71
C THR A 204 -1.11 -36.94 -26.98
N LEU A 205 -0.42 -36.77 -28.11
CA LEU A 205 -1.10 -36.71 -29.40
C LEU A 205 -1.44 -38.11 -29.87
N THR A 206 -2.65 -38.26 -30.41
CA THR A 206 -3.12 -39.50 -30.99
C THR A 206 -3.31 -39.30 -32.50
N ASP A 207 -3.77 -40.36 -33.16
CA ASP A 207 -4.03 -40.30 -34.59
C ASP A 207 -5.51 -40.04 -34.87
N SER B 1 26.27 -4.80 -34.38
CA SER B 1 24.82 -4.47 -34.27
C SER B 1 24.51 -3.77 -32.97
N TRP B 2 23.56 -2.84 -33.01
CA TRP B 2 22.99 -2.32 -31.78
C TRP B 2 22.31 -3.45 -31.01
N MET B 3 22.50 -3.44 -29.70
CA MET B 3 21.81 -4.37 -28.81
C MET B 3 20.65 -3.60 -28.18
N TRP B 4 19.44 -3.83 -28.70
CA TRP B 4 18.25 -3.17 -28.22
C TRP B 4 17.35 -4.08 -27.40
N ASN B 5 17.60 -5.39 -27.40
CA ASN B 5 16.66 -6.36 -26.84
C ASN B 5 16.84 -6.49 -25.33
N GLN B 6 16.60 -5.39 -24.65
CA GLN B 6 16.81 -5.32 -23.20
C GLN B 6 15.80 -4.36 -22.61
N PHE B 7 15.31 -4.70 -21.41
CA PHE B 7 14.50 -3.80 -20.60
C PHE B 7 15.23 -3.55 -19.29
N PHE B 8 15.11 -2.32 -18.78
CA PHE B 8 15.76 -1.92 -17.53
C PHE B 8 14.68 -1.65 -16.50
N LEU B 9 14.72 -2.40 -15.40
CA LEU B 9 13.62 -2.47 -14.45
C LEU B 9 14.14 -2.14 -13.05
N LEU B 10 13.59 -1.08 -12.45
CA LEU B 10 14.05 -0.67 -11.13
C LEU B 10 13.75 -1.73 -10.07
N GLU B 11 14.74 -2.01 -9.23
CA GLU B 11 14.52 -2.92 -8.11
C GLU B 11 13.67 -2.26 -7.02
N GLU B 12 13.03 -3.12 -6.22
CA GLU B 12 12.39 -2.74 -4.95
C GLU B 12 11.14 -1.88 -5.16
N TYR B 13 10.38 -2.20 -6.20
CA TYR B 13 9.14 -1.49 -6.49
C TYR B 13 8.10 -1.75 -5.41
N THR B 14 7.44 -0.68 -4.96
CA THR B 14 6.43 -0.76 -3.91
C THR B 14 5.11 -0.11 -4.32
N GLY B 15 4.85 0.02 -5.61
CA GLY B 15 3.59 0.60 -6.05
C GLY B 15 2.40 -0.30 -5.77
N SER B 16 1.21 0.26 -5.96
CA SER B 16 -0.04 -0.45 -5.70
C SER B 16 -0.54 -1.23 -6.91
N ASP B 17 -0.07 -0.91 -8.10
CA ASP B 17 -0.36 -1.70 -9.31
C ASP B 17 0.93 -2.31 -9.82
N TYR B 18 0.78 -3.26 -10.75
CA TYR B 18 1.95 -3.96 -11.28
C TYR B 18 2.94 -3.00 -11.89
N GLN B 19 4.23 -3.26 -11.63
CA GLN B 19 5.30 -2.48 -12.21
C GLN B 19 5.39 -2.73 -13.72
N TYR B 20 5.40 -1.65 -14.49
CA TYR B 20 5.51 -1.76 -15.94
C TYR B 20 6.96 -2.04 -16.35
N VAL B 21 7.14 -3.02 -17.24
CA VAL B 21 8.46 -3.38 -17.75
C VAL B 21 8.73 -2.74 -19.11
N GLY B 22 7.78 -2.87 -20.04
CA GLY B 22 7.99 -2.45 -21.40
C GLY B 22 7.04 -3.18 -22.32
N LYS B 23 7.30 -3.05 -23.62
CA LYS B 23 6.38 -3.54 -24.63
C LYS B 23 7.14 -4.31 -25.70
N LEU B 24 6.71 -5.56 -25.94
CA LEU B 24 7.09 -6.28 -27.13
C LEU B 24 6.20 -5.84 -28.28
N HIS B 25 6.76 -5.72 -29.47
CA HIS B 25 5.89 -5.37 -30.58
C HIS B 25 6.53 -5.70 -31.91
N SER B 26 5.69 -6.11 -32.85
CA SER B 26 6.06 -6.32 -34.24
C SER B 26 5.59 -5.13 -35.05
N ASP B 27 6.46 -4.59 -35.90
CA ASP B 27 6.09 -3.42 -36.68
C ASP B 27 5.18 -3.75 -37.85
N GLN B 28 4.77 -5.01 -38.00
CA GLN B 28 3.72 -5.37 -38.93
C GLN B 28 2.41 -5.68 -38.22
N ASP B 29 2.36 -5.49 -36.91
CA ASP B 29 1.11 -5.61 -36.15
C ASP B 29 0.19 -4.46 -36.51
N ARG B 30 -0.90 -4.76 -37.22
CA ARG B 30 -1.83 -3.72 -37.63
C ARG B 30 -2.77 -3.28 -36.52
N GLY B 31 -2.60 -3.79 -35.30
CA GLY B 31 -3.48 -3.42 -34.21
C GLY B 31 -4.89 -3.95 -34.34
N ASP B 32 -5.09 -5.03 -35.09
CA ASP B 32 -6.42 -5.57 -35.37
C ASP B 32 -6.70 -6.85 -34.59
N GLY B 33 -5.88 -7.19 -33.60
CA GLY B 33 -6.10 -8.39 -32.82
C GLY B 33 -5.66 -9.68 -33.48
N SER B 34 -4.93 -9.60 -34.60
CA SER B 34 -4.51 -10.80 -35.30
C SER B 34 -3.27 -11.43 -34.67
N LEU B 35 -2.50 -10.69 -33.89
CA LEU B 35 -1.28 -11.20 -33.28
C LEU B 35 -1.54 -11.67 -31.85
N LYS B 36 -0.68 -12.59 -31.40
CA LYS B 36 -0.61 -13.03 -30.02
C LYS B 36 0.85 -12.97 -29.60
N TYR B 37 1.14 -12.21 -28.54
CA TYR B 37 2.50 -12.07 -28.03
C TYR B 37 2.71 -13.03 -26.88
N ILE B 38 3.84 -13.74 -26.89
CA ILE B 38 4.09 -14.84 -25.98
C ILE B 38 5.45 -14.69 -25.32
N LEU B 39 5.50 -14.90 -24.00
CA LEU B 39 6.72 -14.94 -23.23
C LEU B 39 7.11 -16.36 -22.88
N SER B 40 8.42 -16.61 -22.87
CA SER B 40 8.96 -17.84 -22.32
C SER B 40 10.29 -17.50 -21.64
N GLY B 41 10.86 -18.48 -20.97
CA GLY B 41 12.11 -18.28 -20.28
C GLY B 41 11.96 -17.98 -18.81
N ASP B 42 12.97 -17.30 -18.28
CA ASP B 42 13.19 -17.23 -16.83
C ASP B 42 12.22 -16.25 -16.20
N GLY B 43 11.25 -16.77 -15.45
CA GLY B 43 10.22 -15.98 -14.82
C GLY B 43 8.99 -15.75 -15.68
N ALA B 44 8.95 -16.31 -16.88
CA ALA B 44 7.85 -16.05 -17.81
C ALA B 44 6.53 -16.58 -17.28
N GLY B 45 5.51 -15.74 -17.28
CA GLY B 45 4.20 -16.09 -16.77
C GLY B 45 4.08 -16.05 -15.26
N ASP B 46 5.19 -16.02 -14.56
CA ASP B 46 5.23 -16.03 -13.10
C ASP B 46 5.64 -14.65 -12.58
N LEU B 47 6.92 -14.29 -12.69
CA LEU B 47 7.37 -12.95 -12.31
C LEU B 47 7.03 -11.90 -13.35
N PHE B 48 7.02 -12.29 -14.64
CA PHE B 48 6.75 -11.36 -15.72
C PHE B 48 5.57 -11.90 -16.52
N ILE B 49 4.54 -11.06 -16.67
CA ILE B 49 3.34 -11.41 -17.42
C ILE B 49 3.21 -10.46 -18.58
N ILE B 50 2.53 -10.92 -19.62
CA ILE B 50 2.38 -10.13 -20.84
C ILE B 50 0.90 -10.04 -21.18
N ASN B 51 0.49 -8.88 -21.68
CA ASN B 51 -0.79 -8.74 -22.37
C ASN B 51 -0.61 -9.34 -23.76
N GLU B 52 -1.22 -10.50 -24.00
CA GLU B 52 -0.97 -11.19 -25.27
C GLU B 52 -1.50 -10.40 -26.47
N ASN B 53 -2.38 -9.43 -26.25
CA ASN B 53 -2.91 -8.66 -27.36
C ASN B 53 -2.01 -7.47 -27.71
N THR B 54 -1.40 -6.84 -26.71
CA THR B 54 -0.63 -5.62 -26.93
C THR B 54 0.88 -5.82 -26.81
N GLY B 55 1.33 -6.86 -26.12
CA GLY B 55 2.75 -7.04 -25.87
C GLY B 55 3.28 -6.34 -24.63
N ASP B 56 2.42 -5.65 -23.88
CA ASP B 56 2.87 -4.97 -22.66
C ASP B 56 3.28 -5.98 -21.60
N ILE B 57 4.44 -5.76 -20.98
CA ILE B 57 4.98 -6.65 -19.96
C ILE B 57 4.94 -5.95 -18.62
N GLN B 58 4.48 -6.67 -17.59
CA GLN B 58 4.49 -6.21 -16.21
C GLN B 58 5.23 -7.22 -15.32
N ALA B 59 5.75 -6.72 -14.21
CA ALA B 59 6.34 -7.58 -13.18
C ALA B 59 5.32 -7.75 -12.06
N THR B 60 5.24 -8.97 -11.53
CA THR B 60 4.19 -9.30 -10.56
C THR B 60 4.64 -9.21 -9.12
N LYS B 61 5.92 -8.97 -8.86
CA LYS B 61 6.34 -8.81 -7.48
C LYS B 61 7.58 -7.95 -7.42
N ARG B 62 7.82 -7.45 -6.21
CA ARG B 62 8.99 -6.64 -5.93
C ARG B 62 10.26 -7.45 -6.12
N LEU B 63 11.20 -6.90 -6.89
CA LEU B 63 12.44 -7.58 -7.20
C LEU B 63 13.64 -6.90 -6.53
N ASP B 64 14.62 -7.71 -6.18
CA ASP B 64 15.80 -7.27 -5.43
C ASP B 64 17.03 -7.55 -6.28
N ARG B 65 17.71 -6.49 -6.73
CA ARG B 65 18.87 -6.68 -7.58
C ARG B 65 19.96 -7.48 -6.86
N GLU B 66 20.10 -7.27 -5.55
CA GLU B 66 21.11 -7.97 -4.78
C GLU B 66 20.82 -9.46 -4.67
N GLU B 67 19.57 -9.88 -4.91
CA GLU B 67 19.23 -11.29 -4.96
C GLU B 67 19.48 -11.87 -6.35
N LYS B 68 19.05 -11.15 -7.39
CA LYS B 68 19.17 -11.64 -8.75
C LYS B 68 19.16 -10.45 -9.70
N PRO B 69 20.23 -10.22 -10.47
CA PRO B 69 20.35 -8.95 -11.22
C PRO B 69 19.81 -8.97 -12.64
N VAL B 70 19.56 -10.14 -13.22
CA VAL B 70 19.18 -10.21 -14.63
C VAL B 70 18.40 -11.47 -14.90
N TYR B 71 17.44 -11.37 -15.83
CA TYR B 71 16.61 -12.47 -16.27
C TYR B 71 16.67 -12.57 -17.79
N ILE B 72 16.84 -13.79 -18.30
CA ILE B 72 16.90 -14.03 -19.74
C ILE B 72 15.57 -14.66 -20.15
N LEU B 73 14.88 -14.01 -21.07
CA LEU B 73 13.58 -14.47 -21.54
C LEU B 73 13.62 -14.59 -23.06
N ARG B 74 12.54 -15.12 -23.63
CA ARG B 74 12.37 -15.19 -25.07
C ARG B 74 11.00 -14.65 -25.43
N ALA B 75 10.95 -13.99 -26.58
CA ALA B 75 9.74 -13.37 -27.11
C ALA B 75 9.28 -14.11 -28.37
N GLN B 76 7.97 -14.36 -28.47
CA GLN B 76 7.38 -14.86 -29.70
C GLN B 76 6.18 -14.02 -30.07
N ALA B 77 5.91 -13.97 -31.37
CA ALA B 77 4.74 -13.28 -31.91
C ALA B 77 4.14 -14.18 -32.97
N VAL B 78 2.93 -14.65 -32.75
CA VAL B 78 2.32 -15.65 -33.62
C VAL B 78 0.97 -15.14 -34.11
N ASN B 79 0.59 -15.64 -35.28
CA ASN B 79 -0.76 -15.42 -35.79
C ASN B 79 -1.77 -16.10 -34.89
N ARG B 80 -2.71 -15.32 -34.39
CA ARG B 80 -3.70 -15.84 -33.44
C ARG B 80 -4.44 -17.05 -33.99
N ARG B 81 -4.80 -17.01 -35.28
CA ARG B 81 -5.68 -18.03 -35.83
C ARG B 81 -4.96 -19.33 -36.16
N THR B 82 -3.66 -19.28 -36.44
CA THR B 82 -2.90 -20.47 -36.82
C THR B 82 -1.88 -20.91 -35.80
N GLY B 83 -1.41 -20.00 -34.95
CA GLY B 83 -0.33 -20.30 -34.02
C GLY B 83 1.05 -20.17 -34.60
N ARG B 84 1.18 -19.91 -35.91
CA ARG B 84 2.49 -19.90 -36.55
C ARG B 84 3.17 -18.54 -36.36
N PRO B 85 4.51 -18.52 -36.37
CA PRO B 85 5.24 -17.30 -36.02
C PRO B 85 5.08 -16.21 -37.07
N VAL B 86 4.97 -14.97 -36.59
CA VAL B 86 4.96 -13.78 -37.45
C VAL B 86 6.31 -13.10 -37.33
N GLU B 87 6.95 -13.24 -36.18
CA GLU B 87 8.32 -12.80 -35.98
C GLU B 87 9.14 -13.98 -35.49
N PRO B 88 10.45 -14.00 -35.74
CA PRO B 88 11.27 -15.09 -35.20
C PRO B 88 11.36 -14.99 -33.69
N GLU B 89 11.29 -16.15 -33.03
CA GLU B 89 11.51 -16.20 -31.59
C GLU B 89 12.85 -15.56 -31.27
N SER B 90 12.85 -14.67 -30.27
CA SER B 90 14.04 -13.87 -29.98
CA SER B 90 14.03 -13.86 -29.97
C SER B 90 14.25 -13.77 -28.48
N GLU B 91 15.51 -13.93 -28.08
CA GLU B 91 15.90 -13.73 -26.69
C GLU B 91 15.90 -12.25 -26.35
N PHE B 92 15.55 -11.94 -25.11
CA PHE B 92 15.75 -10.58 -24.61
C PHE B 92 16.03 -10.65 -23.12
N ILE B 93 16.54 -9.54 -22.59
CA ILE B 93 17.02 -9.45 -21.21
C ILE B 93 16.15 -8.48 -20.43
N ILE B 94 15.81 -8.85 -19.20
CA ILE B 94 15.27 -7.91 -18.23
C ILE B 94 16.35 -7.70 -17.18
N LYS B 95 16.92 -6.51 -17.17
CA LYS B 95 18.02 -6.17 -16.28
C LYS B 95 17.46 -5.38 -15.10
N ILE B 96 17.78 -5.83 -13.89
CA ILE B 96 17.29 -5.20 -12.68
C ILE B 96 18.23 -4.07 -12.32
N HIS B 97 17.72 -2.84 -12.30
CA HIS B 97 18.55 -1.65 -12.11
C HIS B 97 18.65 -1.31 -10.62
N ASP B 98 19.86 -0.96 -10.20
CA ASP B 98 20.18 -0.76 -8.79
C ASP B 98 19.56 0.52 -8.22
N ILE B 99 19.15 0.44 -6.95
CA ILE B 99 18.97 1.61 -6.09
C ILE B 99 19.88 1.43 -4.88
N ASN B 100 20.15 2.55 -4.22
CA ASN B 100 21.02 2.52 -3.03
C ASN B 100 20.17 2.14 -1.83
N ASP B 101 20.01 0.84 -1.59
CA ASP B 101 19.20 0.36 -0.48
C ASP B 101 19.98 -0.50 0.51
N ASN B 102 21.31 -0.53 0.42
CA ASN B 102 22.14 -1.26 1.37
C ASN B 102 23.10 -0.31 2.04
N GLU B 103 23.15 -0.35 3.37
CA GLU B 103 24.08 0.49 4.09
C GLU B 103 25.46 -0.17 4.15
N PRO B 104 26.52 0.62 4.29
CA PRO B 104 27.83 0.02 4.57
C PRO B 104 27.77 -0.80 5.86
N ILE B 105 28.39 -1.98 5.81
CA ILE B 105 28.42 -2.91 6.95
C ILE B 105 29.86 -3.19 7.29
N PHE B 106 30.27 -2.86 8.51
CA PHE B 106 31.63 -3.09 8.93
C PHE B 106 31.88 -4.58 9.15
N THR B 107 33.10 -5.01 8.83
CA THR B 107 33.45 -6.41 8.98
C THR B 107 33.42 -6.85 10.44
N LYS B 108 33.66 -5.92 11.36
CA LYS B 108 33.47 -6.16 12.79
C LYS B 108 32.69 -5.00 13.38
N ASP B 109 31.74 -5.32 14.28
CA ASP B 109 31.06 -4.26 15.02
C ASP B 109 32.00 -3.60 16.02
N VAL B 110 33.00 -4.35 16.49
CA VAL B 110 33.95 -3.84 17.47
C VAL B 110 35.32 -4.38 17.08
N TYR B 111 36.27 -3.49 16.80
CA TYR B 111 37.65 -3.86 16.56
C TYR B 111 38.46 -3.64 17.83
N THR B 112 39.52 -4.44 17.98
CA THR B 112 40.40 -4.38 19.14
C THR B 112 41.82 -4.16 18.63
N ALA B 113 42.50 -3.16 19.16
CA ALA B 113 43.83 -2.82 18.67
C ALA B 113 44.66 -2.21 19.77
N THR B 114 45.97 -2.18 19.54
CA THR B 114 46.91 -1.52 20.43
C THR B 114 47.88 -0.69 19.61
N VAL B 115 48.57 0.22 20.27
CA VAL B 115 49.63 1.01 19.65
C VAL B 115 50.59 1.44 20.75
N PRO B 116 51.90 1.44 20.52
CA PRO B 116 52.82 1.84 21.59
C PRO B 116 52.57 3.28 22.02
N GLU B 117 52.59 3.49 23.35
CA GLU B 117 52.44 4.84 23.88
C GLU B 117 53.52 5.77 23.34
N MET B 118 54.70 5.22 23.03
CA MET B 118 55.84 6.01 22.58
C MET B 118 55.87 6.23 21.07
N ALA B 119 55.00 5.54 20.33
CA ALA B 119 55.06 5.59 18.87
C ALA B 119 54.97 7.03 18.36
N ASP B 120 55.57 7.27 17.19
CA ASP B 120 55.53 8.57 16.56
C ASP B 120 54.11 8.89 16.10
N VAL B 121 53.88 10.19 15.87
CA VAL B 121 52.64 10.62 15.24
C VAL B 121 52.52 9.98 13.87
N GLY B 122 51.31 9.57 13.51
CA GLY B 122 51.07 8.93 12.23
C GLY B 122 51.32 7.44 12.21
N THR B 123 51.48 6.81 13.37
CA THR B 123 51.72 5.38 13.42
C THR B 123 50.43 4.61 13.13
N PHE B 124 50.54 3.59 12.30
CA PHE B 124 49.41 2.73 11.98
C PHE B 124 48.88 2.06 13.24
N VAL B 125 47.56 2.05 13.40
CA VAL B 125 46.89 1.38 14.52
C VAL B 125 46.12 0.15 14.04
N VAL B 126 45.17 0.35 13.12
CA VAL B 126 44.37 -0.76 12.60
C VAL B 126 43.61 -0.22 11.39
N GLN B 127 43.17 -1.13 10.51
CA GLN B 127 42.38 -0.77 9.36
C GLN B 127 40.99 -1.37 9.51
N VAL B 128 39.97 -0.52 9.45
CA VAL B 128 38.58 -0.97 9.50
C VAL B 128 38.06 -0.99 8.06
N THR B 129 37.09 -1.87 7.81
CA THR B 129 36.54 -2.04 6.47
C THR B 129 35.04 -2.23 6.55
N ALA B 130 34.32 -1.51 5.70
CA ALA B 130 32.88 -1.67 5.54
C ALA B 130 32.59 -2.00 4.08
N THR B 131 31.84 -3.07 3.87
CA THR B 131 31.42 -3.48 2.54
C THR B 131 30.02 -2.92 2.26
N ASP B 132 29.70 -2.81 0.97
CA ASP B 132 28.41 -2.26 0.55
C ASP B 132 27.89 -3.12 -0.59
N ALA B 133 26.68 -3.66 -0.43
CA ALA B 133 26.16 -4.67 -1.34
C ALA B 133 25.55 -4.10 -2.61
N ASP B 134 25.45 -2.78 -2.74
CA ASP B 134 24.85 -2.19 -3.93
C ASP B 134 25.82 -2.28 -5.11
N ASP B 135 25.39 -1.76 -6.26
CA ASP B 135 26.05 -2.01 -7.53
C ASP B 135 27.26 -1.09 -7.69
N PRO B 136 28.49 -1.60 -7.64
CA PRO B 136 29.67 -0.71 -7.79
C PRO B 136 29.87 -0.19 -9.21
N THR B 137 29.14 -0.71 -10.21
CA THR B 137 29.35 -0.26 -11.58
C THR B 137 28.42 0.87 -12.00
N TYR B 138 27.46 1.27 -11.17
CA TYR B 138 26.57 2.37 -11.52
C TYR B 138 26.48 3.33 -10.34
N GLY B 139 26.86 4.57 -10.57
CA GLY B 139 26.77 5.60 -9.56
C GLY B 139 27.65 5.32 -8.34
N ASN B 140 27.28 5.96 -7.24
CA ASN B 140 28.08 5.98 -6.03
C ASN B 140 27.45 5.18 -4.90
N SER B 141 26.43 4.37 -5.19
CA SER B 141 25.69 3.67 -4.15
C SER B 141 26.58 2.73 -3.32
N ALA B 142 27.66 2.23 -3.92
CA ALA B 142 28.56 1.32 -3.22
C ALA B 142 29.93 1.94 -2.94
N LYS B 143 30.05 3.26 -3.07
CA LYS B 143 31.33 3.94 -2.87
C LYS B 143 31.37 4.48 -1.45
N VAL B 144 32.21 3.88 -0.61
CA VAL B 144 32.22 4.12 0.82
C VAL B 144 33.38 5.05 1.16
N VAL B 145 33.14 5.98 2.08
CA VAL B 145 34.20 6.81 2.64
C VAL B 145 34.08 6.79 4.16
N TYR B 146 35.22 6.82 4.82
CA TYR B 146 35.31 6.68 6.25
C TYR B 146 35.59 8.03 6.90
N SER B 147 35.05 8.22 8.10
CA SER B 147 35.29 9.43 8.86
C SER B 147 35.22 9.09 10.35
N ILE B 148 35.94 9.86 11.16
CA ILE B 148 36.03 9.58 12.59
C ILE B 148 34.98 10.42 13.30
N LEU B 149 34.09 9.75 14.03
CA LEU B 149 33.10 10.44 14.85
C LEU B 149 33.56 10.63 16.28
N GLN B 150 34.46 9.76 16.75
CA GLN B 150 35.00 9.88 18.10
C GLN B 150 36.42 9.36 18.10
N GLY B 151 37.30 10.09 18.78
CA GLY B 151 38.72 9.81 18.79
C GLY B 151 39.57 10.96 18.29
N GLN B 152 39.01 11.86 17.49
CA GLN B 152 39.73 13.07 17.10
C GLN B 152 39.87 13.94 18.33
N PRO B 153 40.96 14.73 18.42
CA PRO B 153 42.08 14.87 17.48
C PRO B 153 43.18 13.85 17.72
N TYR B 154 42.93 12.93 18.66
CA TYR B 154 43.97 12.00 19.09
C TYR B 154 44.29 10.97 18.01
N PHE B 155 43.29 10.59 17.22
CA PHE B 155 43.45 9.63 16.14
C PHE B 155 42.83 10.22 14.89
N SER B 156 43.22 9.66 13.73
CA SER B 156 42.63 10.01 12.45
C SER B 156 42.31 8.73 11.69
N VAL B 157 41.47 8.85 10.66
CA VAL B 157 41.17 7.73 9.78
C VAL B 157 41.25 8.23 8.34
N GLU B 158 41.89 7.44 7.48
CA GLU B 158 41.98 7.78 6.07
C GLU B 158 40.64 7.56 5.39
N SER B 159 40.18 8.57 4.65
CA SER B 159 38.80 8.57 4.17
C SER B 159 38.54 7.43 3.18
N GLU B 160 39.53 7.06 2.37
CA GLU B 160 39.30 6.03 1.35
C GLU B 160 39.60 4.62 1.83
N THR B 161 40.40 4.45 2.90
CA THR B 161 40.92 3.14 3.27
C THR B 161 40.45 2.61 4.61
N GLY B 162 39.97 3.46 5.51
CA GLY B 162 39.67 3.01 6.86
C GLY B 162 40.88 2.78 7.74
N ILE B 163 42.06 3.22 7.31
CA ILE B 163 43.27 3.07 8.11
C ILE B 163 43.28 4.13 9.21
N ILE B 164 43.32 3.67 10.47
CA ILE B 164 43.39 4.56 11.62
C ILE B 164 44.85 4.72 12.02
N LYS B 165 45.26 5.96 12.28
CA LYS B 165 46.62 6.27 12.70
C LYS B 165 46.57 7.17 13.93
N THR B 166 47.62 7.10 14.74
CA THR B 166 47.74 8.05 15.83
C THR B 166 47.87 9.45 15.27
N ALA B 167 47.31 10.43 15.99
CA ALA B 167 47.42 11.82 15.57
C ALA B 167 47.93 12.68 16.72
N LEU B 168 47.06 13.42 17.39
CA LEU B 168 47.50 14.34 18.44
C LEU B 168 47.16 13.79 19.83
N LEU B 169 47.71 12.60 20.11
CA LEU B 169 47.48 11.98 21.41
C LEU B 169 47.91 12.88 22.56
N ASN B 170 48.90 13.74 22.33
CA ASN B 170 49.40 14.62 23.39
C ASN B 170 48.35 15.62 23.85
N MET B 171 47.33 15.90 23.03
N MET B 171 47.33 15.90 23.03
CA MET B 171 46.30 16.87 23.40
CA MET B 171 46.30 16.87 23.40
C MET B 171 45.24 16.30 24.34
C MET B 171 45.24 16.30 24.34
N ASP B 172 45.33 15.01 24.70
CA ASP B 172 44.38 14.43 25.64
C ASP B 172 44.72 14.92 27.04
N ARG B 173 43.87 15.80 27.58
CA ARG B 173 44.11 16.37 28.90
C ARG B 173 44.08 15.33 30.01
N GLU B 174 43.42 14.20 29.78
CA GLU B 174 43.33 13.14 30.78
C GLU B 174 44.45 12.11 30.67
N ASN B 175 45.26 12.18 29.61
CA ASN B 175 46.37 11.24 29.41
C ASN B 175 45.92 9.81 29.66
N ARG B 176 44.94 9.37 28.87
CA ARG B 176 44.43 8.01 29.00
C ARG B 176 45.40 7.03 28.37
N GLU B 177 45.18 5.75 28.68
CA GLU B 177 45.85 4.66 27.98
C GLU B 177 44.86 3.75 27.26
N GLN B 178 43.57 4.09 27.27
CA GLN B 178 42.51 3.31 26.64
C GLN B 178 41.56 4.28 25.95
N TYR B 179 41.28 4.04 24.67
CA TYR B 179 40.41 4.93 23.89
C TYR B 179 39.33 4.14 23.19
N GLN B 180 38.14 4.72 23.13
CA GLN B 180 37.03 4.21 22.35
C GLN B 180 36.86 5.12 21.13
N VAL B 181 37.25 4.63 19.98
CA VAL B 181 37.13 5.36 18.72
C VAL B 181 35.88 4.86 18.01
N VAL B 182 35.19 5.77 17.33
CA VAL B 182 34.03 5.42 16.51
C VAL B 182 34.29 5.91 15.10
N ILE B 183 34.18 5.00 14.14
CA ILE B 183 34.36 5.29 12.73
C ILE B 183 33.01 5.13 12.02
N GLN B 184 32.70 6.08 11.16
CA GLN B 184 31.54 6.00 10.28
C GLN B 184 31.98 5.61 8.88
N ALA B 185 31.19 4.76 8.24
CA ALA B 185 31.29 4.50 6.81
C ALA B 185 30.00 4.97 6.17
N LYS B 186 30.11 5.81 5.13
CA LYS B 186 28.94 6.35 4.44
C LYS B 186 29.13 6.16 2.95
N ASP B 187 28.08 5.70 2.26
CA ASP B 187 28.17 5.46 0.83
C ASP B 187 27.82 6.77 0.11
N MET B 188 27.50 6.69 -1.19
CA MET B 188 27.33 7.88 -2.02
C MET B 188 28.54 8.79 -1.91
N GLY B 189 29.72 8.20 -1.79
CA GLY B 189 30.94 8.97 -1.65
C GLY B 189 30.95 9.87 -0.45
N GLY B 190 30.15 9.56 0.58
CA GLY B 190 30.06 10.38 1.76
C GLY B 190 29.15 11.58 1.64
N GLN B 191 28.47 11.76 0.50
CA GLN B 191 27.61 12.92 0.33
C GLN B 191 26.38 12.79 1.20
N MET B 192 25.80 13.93 1.58
CA MET B 192 24.56 13.91 2.33
CA MET B 192 24.56 13.91 2.33
C MET B 192 23.49 13.15 1.53
N GLY B 193 22.74 12.32 2.24
CA GLY B 193 21.81 11.39 1.62
C GLY B 193 22.33 9.97 1.59
N GLY B 194 23.63 9.77 1.70
CA GLY B 194 24.19 8.44 1.74
C GLY B 194 23.75 7.68 2.99
N LEU B 195 23.76 6.36 2.87
CA LEU B 195 23.50 5.46 3.98
C LEU B 195 24.80 5.22 4.73
N SER B 196 24.69 4.90 6.01
CA SER B 196 25.87 4.86 6.87
C SER B 196 25.78 3.74 7.89
N GLY B 197 26.96 3.28 8.30
CA GLY B 197 27.10 2.44 9.47
C GLY B 197 28.28 2.92 10.30
N THR B 198 28.40 2.37 11.50
CA THR B 198 29.49 2.73 12.39
C THR B 198 30.13 1.47 12.94
N THR B 199 31.35 1.64 13.43
CA THR B 199 32.04 0.61 14.18
C THR B 199 32.76 1.26 15.35
N THR B 200 33.03 0.44 16.35
CA THR B 200 33.75 0.86 17.54
C THR B 200 35.14 0.24 17.52
N VAL B 201 36.15 1.01 17.90
CA VAL B 201 37.53 0.55 17.90
C VAL B 201 38.12 0.88 19.27
N ASN B 202 38.39 -0.17 20.06
CA ASN B 202 38.99 -0.02 21.38
C ASN B 202 40.50 -0.11 21.25
N ILE B 203 41.21 0.95 21.63
CA ILE B 203 42.63 1.09 21.39
C ILE B 203 43.33 1.18 22.73
N THR B 204 44.31 0.30 22.95
CA THR B 204 45.13 0.31 24.16
C THR B 204 46.52 0.82 23.83
N LEU B 205 47.03 1.73 24.66
CA LEU B 205 48.39 2.23 24.53
C LEU B 205 49.31 1.35 25.36
N THR B 206 50.32 0.78 24.71
CA THR B 206 51.21 -0.18 25.32
C THR B 206 52.56 0.46 25.63
N ASP B 207 53.25 -0.09 26.63
CA ASP B 207 54.58 0.38 27.00
C ASP B 207 55.63 -0.14 26.03
N SER C 1 9.13 -6.95 -38.38
CA SER C 1 10.33 -6.90 -37.50
C SER C 1 9.98 -6.53 -36.07
N TRP C 2 10.72 -7.10 -35.10
CA TRP C 2 10.57 -6.69 -33.71
C TRP C 2 10.96 -5.23 -33.54
N MET C 3 10.20 -4.53 -32.71
CA MET C 3 10.49 -3.14 -32.35
C MET C 3 11.20 -3.15 -31.00
N TRP C 4 12.54 -3.20 -31.03
CA TRP C 4 13.34 -3.23 -29.81
C TRP C 4 13.92 -1.87 -29.43
N ASN C 5 14.05 -0.95 -30.39
CA ASN C 5 14.81 0.29 -30.17
C ASN C 5 13.94 1.33 -29.45
N GLN C 6 13.59 1.00 -28.20
CA GLN C 6 12.74 1.83 -27.39
C GLN C 6 13.18 1.75 -25.94
N PHE C 7 13.03 2.87 -25.22
CA PHE C 7 13.13 2.89 -23.77
C PHE C 7 11.82 3.44 -23.20
N PHE C 8 11.41 2.91 -22.06
CA PHE C 8 10.17 3.27 -21.41
C PHE C 8 10.50 3.96 -20.09
N LEU C 9 10.12 5.22 -19.98
CA LEU C 9 10.57 6.10 -18.91
C LEU C 9 9.37 6.64 -18.16
N LEU C 10 9.31 6.37 -16.85
CA LEU C 10 8.17 6.79 -16.05
C LEU C 10 8.10 8.31 -15.99
N GLU C 11 6.90 8.85 -16.18
CA GLU C 11 6.71 10.29 -16.03
C GLU C 11 6.74 10.69 -14.56
N GLU C 12 7.06 11.97 -14.33
CA GLU C 12 6.89 12.64 -13.04
C GLU C 12 7.86 12.12 -11.98
N TYR C 13 9.07 11.75 -12.41
CA TYR C 13 10.12 11.32 -11.49
C TYR C 13 10.47 12.43 -10.51
N THR C 14 10.56 12.07 -9.22
CA THR C 14 10.91 13.04 -8.18
C THR C 14 12.11 12.62 -7.36
N GLY C 15 12.86 11.60 -7.78
CA GLY C 15 14.05 11.21 -7.05
C GLY C 15 15.10 12.30 -7.04
N SER C 16 16.07 12.14 -6.14
CA SER C 16 17.13 13.14 -5.98
C SER C 16 18.17 13.05 -7.09
N ASP C 17 18.56 11.84 -7.47
CA ASP C 17 19.49 11.65 -8.56
CA ASP C 17 19.50 11.64 -8.56
C ASP C 17 18.78 11.74 -9.92
N TYR C 18 19.57 11.72 -10.98
CA TYR C 18 18.99 11.71 -12.32
C TYR C 18 18.31 10.37 -12.57
N GLN C 19 17.20 10.42 -13.31
CA GLN C 19 16.45 9.22 -13.63
C GLN C 19 17.19 8.40 -14.69
N TYR C 20 17.34 7.10 -14.44
CA TYR C 20 18.04 6.23 -15.40
C TYR C 20 17.11 5.87 -16.53
N VAL C 21 17.59 5.99 -17.76
CA VAL C 21 16.81 5.66 -18.96
C VAL C 21 17.16 4.27 -19.48
N GLY C 22 18.44 3.97 -19.60
CA GLY C 22 18.88 2.77 -20.27
C GLY C 22 20.31 2.95 -20.76
N LYS C 23 20.72 1.99 -21.60
CA LYS C 23 22.11 1.86 -22.02
C LYS C 23 22.16 1.60 -23.52
N LEU C 24 22.88 2.44 -24.25
CA LEU C 24 23.25 2.11 -25.63
C LEU C 24 24.41 1.13 -25.61
N HIS C 25 24.37 0.14 -26.50
CA HIS C 25 25.47 -0.82 -26.57
CA HIS C 25 25.46 -0.84 -26.56
C HIS C 25 25.56 -1.44 -27.95
N SER C 26 26.78 -1.45 -28.49
CA SER C 26 27.10 -2.17 -29.71
C SER C 26 27.70 -3.51 -29.33
N ASP C 27 27.35 -4.57 -30.05
CA ASP C 27 27.96 -5.86 -29.77
C ASP C 27 29.38 -5.96 -30.32
N GLN C 28 29.90 -4.87 -30.89
CA GLN C 28 31.30 -4.75 -31.25
C GLN C 28 32.13 -4.10 -30.14
N ASP C 29 31.48 -3.62 -29.09
CA ASP C 29 32.14 -2.97 -27.96
C ASP C 29 32.81 -4.04 -27.11
N ARG C 30 34.14 -4.09 -27.14
CA ARG C 30 34.89 -5.05 -26.33
C ARG C 30 35.08 -4.57 -24.89
N GLY C 31 34.58 -3.39 -24.54
CA GLY C 31 34.77 -2.85 -23.21
C GLY C 31 36.11 -2.19 -23.00
N ASP C 32 36.92 -2.03 -24.04
CA ASP C 32 38.25 -1.44 -23.93
C ASP C 32 38.29 0.01 -24.40
N GLY C 33 37.14 0.65 -24.59
CA GLY C 33 37.13 2.06 -24.93
C GLY C 33 37.55 2.41 -26.34
N SER C 34 37.66 1.42 -27.23
CA SER C 34 37.97 1.75 -28.62
CA SER C 34 37.97 1.73 -28.63
C SER C 34 36.82 2.49 -29.28
N LEU C 35 35.60 2.28 -28.80
CA LEU C 35 34.40 2.95 -29.26
C LEU C 35 33.97 4.00 -28.25
N LYS C 36 33.23 4.99 -28.73
CA LYS C 36 32.51 5.87 -27.83
C LYS C 36 31.11 6.11 -28.38
N TYR C 37 30.19 6.37 -27.47
CA TYR C 37 28.78 6.48 -27.78
C TYR C 37 28.38 7.95 -27.86
N ILE C 38 27.60 8.28 -28.89
CA ILE C 38 27.18 9.65 -29.14
C ILE C 38 25.65 9.68 -29.22
N LEU C 39 25.06 10.65 -28.54
CA LEU C 39 23.61 10.81 -28.47
C LEU C 39 23.25 12.10 -29.20
N SER C 40 22.19 12.03 -30.01
CA SER C 40 21.69 13.22 -30.70
C SER C 40 20.17 13.11 -30.82
N GLY C 41 19.55 14.14 -31.35
CA GLY C 41 18.12 14.17 -31.50
C GLY C 41 17.41 14.97 -30.43
N ASP C 42 16.14 14.62 -30.23
CA ASP C 42 15.21 15.46 -29.47
C ASP C 42 15.55 15.39 -27.98
N GLY C 43 16.13 16.46 -27.45
CA GLY C 43 16.50 16.53 -26.06
C GLY C 43 17.93 16.11 -25.75
N ALA C 44 18.69 15.67 -26.75
CA ALA C 44 20.02 15.15 -26.52
C ALA C 44 20.95 16.26 -26.02
N GLY C 45 21.67 15.98 -24.94
CA GLY C 45 22.67 16.88 -24.43
C GLY C 45 22.21 17.83 -23.35
N ASP C 46 20.90 17.91 -23.09
CA ASP C 46 20.43 18.66 -21.93
C ASP C 46 19.37 17.86 -21.18
N LEU C 47 18.28 17.51 -21.85
CA LEU C 47 17.24 16.71 -21.22
C LEU C 47 17.69 15.26 -21.04
N PHE C 48 18.35 14.70 -22.04
CA PHE C 48 18.90 13.36 -21.98
C PHE C 48 20.41 13.45 -22.21
N ILE C 49 21.19 12.86 -21.31
CA ILE C 49 22.64 12.89 -21.38
C ILE C 49 23.16 11.47 -21.37
N ILE C 50 24.30 11.26 -22.03
CA ILE C 50 24.87 9.93 -22.15
C ILE C 50 26.29 9.95 -21.60
N ASN C 51 26.67 8.84 -20.97
CA ASN C 51 28.07 8.55 -20.65
C ASN C 51 28.70 7.98 -21.90
N GLU C 52 29.67 8.71 -22.48
CA GLU C 52 30.21 8.30 -23.77
C GLU C 52 30.98 6.99 -23.72
N ASN C 53 31.43 6.56 -22.54
CA ASN C 53 32.17 5.32 -22.44
C ASN C 53 31.26 4.11 -22.22
N THR C 54 30.26 4.24 -21.35
CA THR C 54 29.41 3.11 -20.99
C THR C 54 28.13 3.02 -21.82
N GLY C 55 27.72 4.12 -22.44
CA GLY C 55 26.45 4.18 -23.14
C GLY C 55 25.24 4.42 -22.26
N ASP C 56 25.41 4.62 -20.95
CA ASP C 56 24.29 4.86 -20.05
C ASP C 56 23.66 6.22 -20.30
N ILE C 57 22.33 6.26 -20.37
CA ILE C 57 21.57 7.48 -20.62
C ILE C 57 20.80 7.84 -19.35
N GLN C 58 20.80 9.12 -19.01
CA GLN C 58 20.03 9.64 -17.89
C GLN C 58 19.15 10.79 -18.35
N ALA C 59 18.02 10.96 -17.67
CA ALA C 59 17.13 12.11 -17.88
C ALA C 59 17.37 13.11 -16.76
N THR C 60 17.48 14.39 -17.14
CA THR C 60 17.89 15.43 -16.20
C THR C 60 16.73 16.26 -15.67
N LYS C 61 15.52 16.06 -16.19
CA LYS C 61 14.37 16.80 -15.71
C LYS C 61 13.19 15.86 -15.54
N ARG C 62 12.30 16.23 -14.63
CA ARG C 62 11.03 15.54 -14.45
C ARG C 62 10.16 15.73 -15.69
N LEU C 63 9.63 14.63 -16.23
CA LEU C 63 8.89 14.65 -17.47
C LEU C 63 7.41 14.38 -17.23
N ASP C 64 6.58 14.95 -18.11
CA ASP C 64 5.13 14.90 -18.00
C ASP C 64 4.58 14.28 -19.28
N ARG C 65 4.05 13.06 -19.19
CA ARG C 65 3.49 12.41 -20.37
C ARG C 65 2.39 13.26 -20.99
N GLU C 66 1.58 13.92 -20.15
CA GLU C 66 0.48 14.72 -20.66
C GLU C 66 0.96 15.95 -21.42
N GLU C 67 2.21 16.37 -21.21
CA GLU C 67 2.78 17.47 -21.98
C GLU C 67 3.43 16.97 -23.27
N LYS C 68 4.22 15.90 -23.18
CA LYS C 68 4.93 15.35 -24.32
C LYS C 68 5.18 13.87 -24.08
N PRO C 69 4.58 12.97 -24.89
CA PRO C 69 4.64 11.54 -24.56
C PRO C 69 5.79 10.76 -25.17
N VAL C 70 6.53 11.30 -26.12
CA VAL C 70 7.54 10.50 -26.82
C VAL C 70 8.61 11.42 -27.40
N TYR C 71 9.85 10.94 -27.37
CA TYR C 71 11.01 11.65 -27.90
C TYR C 71 11.75 10.72 -28.85
N ILE C 72 12.14 11.25 -30.01
CA ILE C 72 12.92 10.48 -30.97
C ILE C 72 14.37 10.92 -30.87
N LEU C 73 15.24 9.99 -30.52
CA LEU C 73 16.67 10.24 -30.40
C LEU C 73 17.43 9.38 -31.40
N ARG C 74 18.73 9.67 -31.53
CA ARG C 74 19.60 8.94 -32.43
C ARG C 74 20.85 8.50 -31.68
N ALA C 75 21.27 7.26 -31.95
CA ALA C 75 22.42 6.64 -31.32
C ALA C 75 23.53 6.46 -32.35
N GLN C 76 24.77 6.74 -31.93
CA GLN C 76 25.94 6.49 -32.76
C GLN C 76 27.01 5.83 -31.91
N ALA C 77 27.76 4.93 -32.52
CA ALA C 77 28.96 4.36 -31.91
C ALA C 77 30.10 4.55 -32.88
N VAL C 78 31.10 5.32 -32.49
CA VAL C 78 32.19 5.70 -33.38
C VAL C 78 33.52 5.28 -32.77
N ASN C 79 34.49 5.04 -33.64
CA ASN C 79 35.86 4.83 -33.20
C ASN C 79 36.33 6.07 -32.46
N ARG C 80 36.87 5.86 -31.26
CA ARG C 80 37.23 6.99 -30.41
C ARG C 80 38.31 7.86 -31.04
N ARG C 81 39.23 7.26 -31.80
CA ARG C 81 40.34 8.03 -32.34
C ARG C 81 39.95 8.73 -33.64
N THR C 82 39.31 8.00 -34.56
CA THR C 82 39.03 8.52 -35.90
C THR C 82 37.66 9.15 -36.01
N GLY C 83 36.70 8.77 -35.16
CA GLY C 83 35.34 9.21 -35.32
C GLY C 83 34.56 8.47 -36.37
N ARG C 84 35.17 7.49 -37.03
CA ARG C 84 34.46 6.73 -38.06
C ARG C 84 33.37 5.89 -37.41
N PRO C 85 32.18 5.82 -38.01
CA PRO C 85 31.10 5.05 -37.39
C PRO C 85 31.43 3.56 -37.35
N VAL C 86 31.20 2.95 -36.20
CA VAL C 86 31.33 1.51 -36.04
C VAL C 86 29.97 0.82 -36.11
N GLU C 87 28.99 1.39 -35.45
CA GLU C 87 27.60 1.09 -35.77
C GLU C 87 27.02 2.24 -36.58
N PRO C 88 26.11 1.97 -37.50
CA PRO C 88 25.45 3.08 -38.19
C PRO C 88 24.57 3.85 -37.24
N GLU C 89 24.52 5.17 -37.45
CA GLU C 89 23.60 6.00 -36.68
C GLU C 89 22.19 5.45 -36.82
N SER C 90 21.49 5.29 -35.70
CA SER C 90 20.18 4.66 -35.68
CA SER C 90 20.18 4.66 -35.68
C SER C 90 19.29 5.36 -34.67
N GLU C 91 18.03 5.59 -35.06
CA GLU C 91 17.14 6.26 -34.14
C GLU C 91 16.64 5.29 -33.08
N PHE C 92 16.20 5.85 -31.96
CA PHE C 92 15.47 5.08 -30.97
C PHE C 92 14.49 6.02 -30.29
N ILE C 93 13.54 5.43 -29.58
CA ILE C 93 12.42 6.14 -29.00
C ILE C 93 12.53 6.08 -27.49
N ILE C 94 12.33 7.22 -26.84
CA ILE C 94 12.12 7.27 -25.40
C ILE C 94 10.64 7.56 -25.19
N LYS C 95 9.91 6.56 -24.72
CA LYS C 95 8.48 6.64 -24.50
C LYS C 95 8.24 6.99 -23.03
N ILE C 96 7.46 8.03 -22.78
CA ILE C 96 7.17 8.45 -21.42
C ILE C 96 5.96 7.67 -20.94
N HIS C 97 6.12 6.89 -19.88
CA HIS C 97 5.08 5.98 -19.43
C HIS C 97 4.18 6.66 -18.41
N ASP C 98 2.87 6.40 -18.55
CA ASP C 98 1.84 7.08 -17.78
C ASP C 98 1.82 6.64 -16.31
N ILE C 99 1.54 7.60 -15.44
CA ILE C 99 1.06 7.34 -14.09
C ILE C 99 -0.28 8.05 -13.94
N ASN C 100 -1.05 7.64 -12.93
CA ASN C 100 -2.37 8.22 -12.72
C ASN C 100 -2.22 9.49 -11.89
N ASP C 101 -2.00 10.62 -12.57
CA ASP C 101 -1.78 11.89 -11.87
C ASP C 101 -2.73 12.99 -12.34
N ASN C 102 -3.82 12.65 -13.03
CA ASN C 102 -4.86 13.60 -13.40
C ASN C 102 -6.21 13.11 -12.90
N GLU C 103 -6.94 13.98 -12.21
CA GLU C 103 -8.24 13.57 -11.72
C GLU C 103 -9.31 13.81 -12.80
N PRO C 104 -10.41 13.06 -12.75
CA PRO C 104 -11.52 13.34 -13.67
C PRO C 104 -12.03 14.75 -13.50
N ILE C 105 -12.36 15.40 -14.62
CA ILE C 105 -12.87 16.78 -14.64
C ILE C 105 -14.17 16.79 -15.43
N PHE C 106 -15.26 17.19 -14.79
CA PHE C 106 -16.53 17.29 -15.48
C PHE C 106 -16.55 18.45 -16.47
N THR C 107 -17.27 18.27 -17.58
CA THR C 107 -17.36 19.31 -18.59
C THR C 107 -17.97 20.58 -18.03
N LYS C 108 -18.98 20.44 -17.17
CA LYS C 108 -19.60 21.55 -16.47
C LYS C 108 -19.50 21.30 -14.98
N ASP C 109 -19.28 22.36 -14.21
CA ASP C 109 -19.39 22.24 -12.76
C ASP C 109 -20.85 22.26 -12.29
N VAL C 110 -21.75 22.79 -13.10
CA VAL C 110 -23.18 22.82 -12.77
C VAL C 110 -23.96 22.48 -14.04
N TYR C 111 -24.72 21.39 -13.98
CA TYR C 111 -25.67 21.04 -15.03
C TYR C 111 -27.07 21.44 -14.60
N THR C 112 -27.88 21.84 -15.58
CA THR C 112 -29.27 22.20 -15.36
C THR C 112 -30.15 21.29 -16.20
N ALA C 113 -31.19 20.71 -15.58
CA ALA C 113 -32.02 19.76 -16.28
C ALA C 113 -33.43 19.77 -15.70
N THR C 114 -34.36 19.17 -16.45
CA THR C 114 -35.73 19.02 -16.01
C THR C 114 -36.21 17.61 -16.38
N VAL C 115 -37.31 17.21 -15.74
CA VAL C 115 -37.95 15.94 -16.05
C VAL C 115 -39.41 16.05 -15.61
N PRO C 116 -40.36 15.43 -16.31
CA PRO C 116 -41.76 15.56 -15.91
C PRO C 116 -42.01 14.97 -14.52
N GLU C 117 -42.85 15.66 -13.76
CA GLU C 117 -43.20 15.21 -12.41
C GLU C 117 -43.75 13.79 -12.44
N MET C 118 -44.63 13.48 -13.39
CA MET C 118 -45.29 12.18 -13.46
C MET C 118 -44.55 11.18 -14.34
N ALA C 119 -43.27 11.43 -14.64
CA ALA C 119 -42.52 10.51 -15.49
C ALA C 119 -42.37 9.14 -14.83
N ASP C 120 -42.31 8.11 -15.67
CA ASP C 120 -42.07 6.75 -15.20
C ASP C 120 -40.67 6.62 -14.60
N VAL C 121 -40.49 5.56 -13.81
CA VAL C 121 -39.15 5.24 -13.33
C VAL C 121 -38.24 4.96 -14.50
N GLY C 122 -36.98 5.35 -14.37
CA GLY C 122 -36.00 5.14 -15.41
C GLY C 122 -36.01 6.19 -16.51
N THR C 123 -36.73 7.29 -16.33
CA THR C 123 -36.80 8.31 -17.36
C THR C 123 -35.52 9.12 -17.41
N PHE C 124 -35.03 9.37 -18.62
CA PHE C 124 -33.78 10.09 -18.80
C PHE C 124 -33.91 11.53 -18.35
N VAL C 125 -32.93 11.98 -17.57
CA VAL C 125 -32.86 13.36 -17.11
C VAL C 125 -31.76 14.13 -17.84
N VAL C 126 -30.52 13.69 -17.71
CA VAL C 126 -29.39 14.40 -18.30
C VAL C 126 -28.19 13.45 -18.26
N GLN C 127 -27.23 13.69 -19.14
CA GLN C 127 -25.99 12.93 -19.15
C GLN C 127 -24.85 13.86 -18.76
N VAL C 128 -24.11 13.50 -17.72
CA VAL C 128 -22.93 14.22 -17.32
C VAL C 128 -21.71 13.46 -17.83
N THR C 129 -20.61 14.19 -18.04
CA THR C 129 -19.39 13.61 -18.58
C THR C 129 -18.18 14.22 -17.88
N ALA C 130 -17.24 13.37 -17.50
CA ALA C 130 -15.96 13.81 -16.96
C ALA C 130 -14.85 13.23 -17.83
N THR C 131 -13.90 14.08 -18.21
CA THR C 131 -12.73 13.64 -18.96
C THR C 131 -11.58 13.38 -18.00
N ASP C 132 -10.64 12.55 -18.46
CA ASP C 132 -9.47 12.20 -17.69
C ASP C 132 -8.26 12.26 -18.61
N ALA C 133 -7.26 13.07 -18.25
CA ALA C 133 -6.15 13.35 -19.13
C ALA C 133 -5.10 12.25 -19.15
N ASP C 134 -5.22 11.22 -18.32
CA ASP C 134 -4.22 10.17 -18.31
C ASP C 134 -4.42 9.26 -19.52
N ASP C 135 -3.62 8.19 -19.58
CA ASP C 135 -3.49 7.41 -20.82
C ASP C 135 -4.58 6.35 -20.87
N PRO C 136 -5.54 6.44 -21.81
CA PRO C 136 -6.60 5.42 -21.86
C PRO C 136 -6.12 4.07 -22.37
N THR C 137 -4.92 3.99 -22.95
CA THR C 137 -4.47 2.74 -23.56
C THR C 137 -3.68 1.85 -22.61
N TYR C 138 -3.38 2.31 -21.40
CA TYR C 138 -2.70 1.46 -20.43
C TYR C 138 -3.35 1.61 -19.06
N GLY C 139 -3.67 0.48 -18.44
CA GLY C 139 -4.20 0.45 -17.10
C GLY C 139 -5.55 1.17 -17.01
N ASN C 140 -5.89 1.52 -15.78
CA ASN C 140 -7.20 2.09 -15.47
C ASN C 140 -7.13 3.57 -15.12
N SER C 141 -5.98 4.21 -15.33
CA SER C 141 -5.79 5.58 -14.88
C SER C 141 -6.79 6.55 -15.52
N ALA C 142 -7.33 6.21 -16.69
CA ALA C 142 -8.28 7.07 -17.39
C ALA C 142 -9.63 6.39 -17.55
N LYS C 143 -9.89 5.33 -16.80
CA LYS C 143 -11.18 4.64 -16.82
C LYS C 143 -12.05 5.20 -15.71
N VAL C 144 -13.13 5.88 -16.09
CA VAL C 144 -13.92 6.70 -15.18
C VAL C 144 -15.23 5.98 -14.88
N VAL C 145 -15.60 5.97 -13.60
CA VAL C 145 -16.88 5.42 -13.15
C VAL C 145 -17.66 6.54 -12.46
N TYR C 146 -18.96 6.62 -12.76
CA TYR C 146 -19.84 7.63 -12.22
C TYR C 146 -20.67 7.05 -11.09
N SER C 147 -20.90 7.86 -10.06
CA SER C 147 -21.76 7.43 -8.96
C SER C 147 -22.43 8.65 -8.35
N ILE C 148 -23.57 8.42 -7.72
CA ILE C 148 -24.38 9.51 -7.18
C ILE C 148 -24.09 9.62 -5.68
N LEU C 149 -23.68 10.82 -5.28
CA LEU C 149 -23.39 11.15 -3.88
C LEU C 149 -24.62 11.72 -3.17
N GLN C 150 -25.42 12.50 -3.88
CA GLN C 150 -26.60 13.13 -3.33
C GLN C 150 -27.69 13.12 -4.37
N GLY C 151 -28.90 12.75 -3.96
CA GLY C 151 -30.04 12.61 -4.85
C GLY C 151 -30.64 11.23 -4.86
N GLN C 152 -29.92 10.22 -4.38
CA GLN C 152 -30.48 8.90 -4.20
C GLN C 152 -31.48 8.98 -3.04
N PRO C 153 -32.58 8.21 -3.11
CA PRO C 153 -32.98 7.24 -4.13
C PRO C 153 -33.90 7.82 -5.20
N TYR C 154 -34.01 9.14 -5.27
CA TYR C 154 -34.91 9.75 -6.26
C TYR C 154 -34.31 9.67 -7.66
N PHE C 155 -32.99 9.67 -7.77
CA PHE C 155 -32.31 9.57 -9.05
C PHE C 155 -31.20 8.54 -8.97
N SER C 156 -30.82 8.04 -10.14
CA SER C 156 -29.70 7.12 -10.29
C SER C 156 -28.77 7.65 -11.37
N VAL C 157 -27.58 7.09 -11.44
CA VAL C 157 -26.65 7.40 -12.51
C VAL C 157 -26.00 6.10 -12.97
N GLU C 158 -25.87 5.95 -14.28
CA GLU C 158 -25.23 4.78 -14.86
C GLU C 158 -23.71 4.90 -14.70
N SER C 159 -23.08 3.82 -14.22
CA SER C 159 -21.68 3.90 -13.80
C SER C 159 -20.75 4.20 -14.95
N GLU C 160 -21.03 3.66 -16.13
CA GLU C 160 -20.11 3.80 -17.26
C GLU C 160 -20.36 5.07 -18.06
N THR C 161 -21.58 5.58 -18.06
CA THR C 161 -22.00 6.60 -19.03
C THR C 161 -22.37 7.94 -18.41
N GLY C 162 -22.58 8.01 -17.10
CA GLY C 162 -22.99 9.27 -16.51
C GLY C 162 -24.42 9.66 -16.81
N ILE C 163 -25.25 8.72 -17.24
CA ILE C 163 -26.64 9.00 -17.59
C ILE C 163 -27.48 8.98 -16.31
N ILE C 164 -28.08 10.12 -16.00
CA ILE C 164 -28.93 10.25 -14.82
C ILE C 164 -30.37 9.97 -15.22
N LYS C 165 -31.06 9.16 -14.41
CA LYS C 165 -32.46 8.83 -14.64
C LYS C 165 -33.23 8.98 -13.34
N THR C 166 -34.54 9.17 -13.47
CA THR C 166 -35.39 9.07 -12.29
C THR C 166 -35.38 7.63 -11.78
N ALA C 167 -35.45 7.48 -10.47
CA ALA C 167 -35.37 6.16 -9.84
C ALA C 167 -36.57 5.90 -8.95
N LEU C 168 -37.56 6.78 -8.96
CA LEU C 168 -38.70 6.69 -8.06
C LEU C 168 -39.86 7.47 -8.68
N LEU C 169 -41.08 6.98 -8.42
CA LEU C 169 -42.28 7.65 -8.88
C LEU C 169 -42.59 8.85 -7.98
N ASN C 170 -43.36 9.79 -8.53
CA ASN C 170 -43.74 10.97 -7.75
C ASN C 170 -44.41 10.57 -6.44
N MET C 171 -45.19 9.48 -6.45
CA MET C 171 -45.94 9.11 -5.26
C MET C 171 -45.04 8.67 -4.10
N ASP C 172 -43.79 8.28 -4.38
CA ASP C 172 -42.85 7.87 -3.35
C ASP C 172 -41.81 8.93 -3.04
N ARG C 173 -42.09 10.19 -3.40
CA ARG C 173 -41.10 11.24 -3.41
C ARG C 173 -41.63 12.46 -2.69
N GLU C 174 -40.72 13.21 -2.06
CA GLU C 174 -41.08 14.41 -1.32
C GLU C 174 -41.35 15.55 -2.28
N ASN C 175 -42.59 16.02 -2.30
CA ASN C 175 -42.98 17.19 -3.10
C ASN C 175 -41.99 18.32 -2.89
N ARG C 176 -41.15 18.60 -3.89
CA ARG C 176 -39.99 19.48 -3.69
C ARG C 176 -39.69 20.40 -4.86
N GLU C 177 -40.11 20.10 -6.08
CA GLU C 177 -39.86 20.93 -7.27
C GLU C 177 -38.41 20.87 -7.74
N GLN C 178 -37.46 21.24 -6.88
CA GLN C 178 -36.05 21.34 -7.27
C GLN C 178 -35.22 20.33 -6.49
N TYR C 179 -34.36 19.60 -7.20
CA TYR C 179 -33.49 18.60 -6.59
C TYR C 179 -32.05 18.87 -6.97
N GLN C 180 -31.18 18.92 -5.98
CA GLN C 180 -29.75 19.12 -6.20
C GLN C 180 -29.07 17.75 -6.14
N VAL C 181 -28.57 17.30 -7.27
CA VAL C 181 -27.87 16.03 -7.38
C VAL C 181 -26.38 16.30 -7.45
N VAL C 182 -25.59 15.45 -6.82
CA VAL C 182 -24.13 15.51 -6.90
C VAL C 182 -23.65 14.18 -7.47
N ILE C 183 -22.89 14.25 -8.56
CA ILE C 183 -22.31 13.07 -9.18
C ILE C 183 -20.80 13.11 -8.98
N GLN C 184 -20.24 11.96 -8.67
CA GLN C 184 -18.79 11.75 -8.61
C GLN C 184 -18.32 11.00 -9.85
N ALA C 185 -17.16 11.38 -10.35
CA ALA C 185 -16.44 10.61 -11.34
C ALA C 185 -15.12 10.18 -10.69
N LYS C 186 -14.86 8.88 -10.66
CA LYS C 186 -13.66 8.34 -10.04
C LYS C 186 -12.93 7.47 -11.06
N ASP C 187 -11.62 7.65 -11.18
CA ASP C 187 -10.86 6.87 -12.14
C ASP C 187 -10.37 5.58 -11.46
N MET C 188 -9.44 4.88 -12.12
CA MET C 188 -9.05 3.52 -11.71
C MET C 188 -10.26 2.60 -11.63
N GLY C 189 -11.25 2.82 -12.48
CA GLY C 189 -12.48 2.04 -12.42
C GLY C 189 -13.16 2.08 -11.07
N GLY C 190 -12.95 3.15 -10.30
CA GLY C 190 -13.54 3.27 -8.98
C GLY C 190 -12.81 2.51 -7.89
N GLN C 191 -11.67 1.89 -8.18
CA GLN C 191 -11.00 1.09 -7.18
C GLN C 191 -10.18 1.97 -6.25
N MET C 192 -9.70 1.35 -5.17
CA MET C 192 -9.02 2.10 -4.12
C MET C 192 -7.89 2.93 -4.69
N GLY C 193 -7.81 4.18 -4.20
CA GLY C 193 -6.78 5.10 -4.63
C GLY C 193 -7.18 5.95 -5.82
N GLY C 194 -8.27 5.62 -6.49
CA GLY C 194 -8.69 6.40 -7.63
C GLY C 194 -8.89 7.86 -7.28
N LEU C 195 -8.55 8.72 -8.23
CA LEU C 195 -8.79 10.14 -8.12
C LEU C 195 -10.21 10.45 -8.55
N SER C 196 -10.76 11.56 -8.03
CA SER C 196 -12.17 11.82 -8.28
C SER C 196 -12.43 13.31 -8.42
N GLY C 197 -13.51 13.61 -9.16
CA GLY C 197 -14.09 14.94 -9.16
C GLY C 197 -15.59 14.84 -9.04
N THR C 198 -16.24 15.98 -8.86
CA THR C 198 -17.68 16.02 -8.67
C THR C 198 -18.29 17.12 -9.52
N THR C 199 -19.61 16.99 -9.75
CA THR C 199 -20.38 18.01 -10.40
C THR C 199 -21.75 18.10 -9.72
N THR C 200 -22.43 19.21 -9.96
CA THR C 200 -23.74 19.48 -9.39
C THR C 200 -24.77 19.54 -10.51
N VAL C 201 -25.91 18.87 -10.31
CA VAL C 201 -26.98 18.80 -11.30
C VAL C 201 -28.25 19.28 -10.62
N ASN C 202 -28.74 20.45 -11.04
CA ASN C 202 -29.98 21.01 -10.51
C ASN C 202 -31.14 20.58 -11.40
N ILE C 203 -32.07 19.81 -10.83
CA ILE C 203 -33.17 19.20 -11.58
C ILE C 203 -34.47 19.82 -11.11
N THR C 204 -35.25 20.32 -12.05
CA THR C 204 -36.57 20.87 -11.79
C THR C 204 -37.63 19.97 -12.43
N LEU C 205 -38.70 19.71 -11.69
CA LEU C 205 -39.80 18.91 -12.22
C LEU C 205 -40.78 19.80 -12.97
N THR C 206 -41.24 19.31 -14.12
CA THR C 206 -42.20 20.00 -14.96
C THR C 206 -43.55 19.28 -14.91
N ASP C 207 -44.58 19.99 -15.36
CA ASP C 207 -45.95 19.50 -15.22
C ASP C 207 -46.29 18.44 -16.26
N SER D 1 -34.95 -0.34 24.60
CA SER D 1 -34.74 -1.17 23.37
C SER D 1 -33.26 -1.36 23.09
N TRP D 2 -32.92 -2.51 22.51
CA TRP D 2 -31.56 -2.74 22.04
C TRP D 2 -31.25 -1.80 20.89
N MET D 3 -30.00 -1.32 20.84
CA MET D 3 -29.54 -0.45 19.76
C MET D 3 -28.60 -1.29 18.88
N TRP D 4 -29.15 -1.85 17.81
CA TRP D 4 -28.40 -2.70 16.91
C TRP D 4 -27.96 -2.00 15.63
N ASN D 5 -28.55 -0.85 15.31
CA ASN D 5 -28.33 -0.22 14.00
C ASN D 5 -27.05 0.60 14.00
N GLN D 6 -25.93 -0.12 14.21
CA GLN D 6 -24.62 0.50 14.22
C GLN D 6 -23.59 -0.49 13.72
N PHE D 7 -22.58 0.05 13.03
CA PHE D 7 -21.39 -0.71 12.65
C PHE D 7 -20.20 -0.10 13.36
N PHE D 8 -19.18 -0.93 13.60
CA PHE D 8 -17.97 -0.51 14.30
C PHE D 8 -16.77 -0.70 13.38
N LEU D 9 -16.03 0.38 13.16
CA LEU D 9 -15.00 0.44 12.12
C LEU D 9 -13.70 0.95 12.73
N LEU D 10 -12.64 0.15 12.67
CA LEU D 10 -11.36 0.57 13.22
C LEU D 10 -10.78 1.76 12.46
N GLU D 11 -10.28 2.73 13.21
CA GLU D 11 -9.63 3.87 12.57
C GLU D 11 -8.26 3.49 12.02
N GLU D 12 -7.80 4.28 11.05
CA GLU D 12 -6.41 4.30 10.58
C GLU D 12 -6.05 3.04 9.81
N TYR D 13 -7.03 2.48 9.10
CA TYR D 13 -6.83 1.31 8.26
C TYR D 13 -5.82 1.60 7.16
N THR D 14 -4.87 0.67 6.96
CA THR D 14 -3.81 0.83 5.96
C THR D 14 -3.74 -0.33 4.97
N GLY D 15 -4.77 -1.16 4.86
CA GLY D 15 -4.73 -2.26 3.91
C GLY D 15 -4.81 -1.80 2.46
N SER D 16 -4.64 -2.77 1.56
CA SER D 16 -4.64 -2.51 0.12
C SER D 16 -5.95 -2.84 -0.56
N ASP D 17 -6.92 -3.40 0.17
CA ASP D 17 -8.30 -3.53 -0.28
C ASP D 17 -9.17 -2.62 0.56
N TYR D 18 -10.33 -2.25 0.02
CA TYR D 18 -11.26 -1.43 0.78
C TYR D 18 -11.57 -2.08 2.12
N GLN D 19 -11.58 -1.26 3.17
CA GLN D 19 -11.94 -1.73 4.51
C GLN D 19 -13.42 -2.09 4.57
N TYR D 20 -13.72 -3.31 5.02
CA TYR D 20 -15.10 -3.76 5.15
C TYR D 20 -15.76 -3.15 6.38
N VAL D 21 -17.00 -2.68 6.21
CA VAL D 21 -17.77 -2.09 7.30
C VAL D 21 -18.79 -3.06 7.86
N GLY D 22 -19.54 -3.72 6.98
CA GLY D 22 -20.68 -4.52 7.39
C GLY D 22 -21.65 -4.66 6.23
N LYS D 23 -22.82 -5.20 6.54
CA LYS D 23 -23.81 -5.54 5.54
C LYS D 23 -25.20 -5.08 5.96
N LEU D 24 -25.87 -4.32 5.09
CA LEU D 24 -27.30 -4.10 5.22
C LEU D 24 -28.04 -5.34 4.76
N HIS D 25 -29.16 -5.64 5.41
CA HIS D 25 -29.96 -6.81 5.03
C HIS D 25 -31.41 -6.63 5.44
N SER D 26 -32.31 -6.85 4.47
CA SER D 26 -33.74 -6.88 4.70
C SER D 26 -34.21 -8.33 4.64
N ASP D 27 -35.05 -8.73 5.60
CA ASP D 27 -35.58 -10.08 5.54
C ASP D 27 -36.59 -10.27 4.42
N GLN D 28 -36.89 -9.21 3.65
CA GLN D 28 -37.65 -9.35 2.41
C GLN D 28 -36.77 -9.75 1.24
N ASP D 29 -35.46 -9.88 1.46
CA ASP D 29 -34.49 -10.15 0.39
C ASP D 29 -34.38 -11.66 0.18
N ARG D 30 -34.74 -12.12 -1.03
CA ARG D 30 -34.70 -13.54 -1.37
CA ARG D 30 -34.70 -13.54 -1.37
C ARG D 30 -33.46 -13.91 -2.18
N GLY D 31 -32.44 -13.06 -2.18
CA GLY D 31 -31.22 -13.38 -2.88
C GLY D 31 -31.38 -13.61 -4.37
N ASP D 32 -32.45 -13.11 -4.96
CA ASP D 32 -32.69 -13.28 -6.39
C ASP D 32 -32.35 -12.02 -7.20
N GLY D 33 -31.75 -11.01 -6.57
CA GLY D 33 -31.38 -9.79 -7.24
C GLY D 33 -32.50 -8.79 -7.44
N SER D 34 -33.71 -9.10 -6.96
CA SER D 34 -34.84 -8.21 -7.14
C SER D 34 -34.80 -7.00 -6.22
N LEU D 35 -34.07 -7.08 -5.11
CA LEU D 35 -33.94 -5.97 -4.19
C LEU D 35 -32.69 -5.16 -4.50
N LYS D 36 -32.79 -3.84 -4.36
CA LYS D 36 -31.68 -2.92 -4.58
C LYS D 36 -31.45 -2.13 -3.30
N TYR D 37 -30.31 -2.35 -2.66
CA TYR D 37 -29.94 -1.62 -1.46
C TYR D 37 -29.36 -0.26 -1.82
N ILE D 38 -29.79 0.76 -1.10
CA ILE D 38 -29.38 2.13 -1.37
C ILE D 38 -28.87 2.77 -0.09
N LEU D 39 -27.76 3.49 -0.22
CA LEU D 39 -27.11 4.15 0.90
C LEU D 39 -27.16 5.65 0.66
N SER D 40 -27.65 6.39 1.66
CA SER D 40 -27.66 7.85 1.60
C SER D 40 -27.12 8.40 2.91
N GLY D 41 -26.95 9.72 2.95
CA GLY D 41 -26.50 10.38 4.14
C GLY D 41 -25.04 10.80 4.14
N ASP D 42 -24.46 10.89 5.33
CA ASP D 42 -23.17 11.54 5.54
C ASP D 42 -22.04 10.61 5.10
N GLY D 43 -21.39 10.95 3.99
CA GLY D 43 -20.35 10.12 3.43
C GLY D 43 -20.82 9.09 2.44
N ALA D 44 -22.13 9.02 2.18
CA ALA D 44 -22.66 8.02 1.27
C ALA D 44 -22.15 8.25 -0.15
N GLY D 45 -21.59 7.19 -0.74
CA GLY D 45 -21.07 7.24 -2.10
C GLY D 45 -19.64 7.74 -2.22
N ASP D 46 -19.18 8.54 -1.27
CA ASP D 46 -17.82 9.07 -1.26
CA ASP D 46 -17.80 9.03 -1.30
C ASP D 46 -16.94 8.28 -0.30
N LEU D 47 -17.22 8.40 1.01
CA LEU D 47 -16.45 7.66 2.00
C LEU D 47 -16.94 6.23 2.18
N PHE D 48 -18.25 6.01 2.04
CA PHE D 48 -18.83 4.69 2.23
C PHE D 48 -19.61 4.31 0.98
N ILE D 49 -19.31 3.14 0.45
CA ILE D 49 -19.94 2.65 -0.78
C ILE D 49 -20.58 1.31 -0.48
N ILE D 50 -21.66 1.02 -1.18
CA ILE D 50 -22.43 -0.18 -0.95
C ILE D 50 -22.54 -0.98 -2.24
N ASN D 51 -22.57 -2.30 -2.10
CA ASN D 51 -22.94 -3.20 -3.18
C ASN D 51 -24.46 -3.25 -3.25
N GLU D 52 -25.03 -2.69 -4.32
CA GLU D 52 -26.49 -2.55 -4.40
C GLU D 52 -27.22 -3.88 -4.34
N ASN D 53 -26.53 -4.98 -4.65
CA ASN D 53 -27.17 -6.29 -4.68
C ASN D 53 -27.06 -7.04 -3.35
N THR D 54 -25.92 -6.89 -2.66
CA THR D 54 -25.67 -7.64 -1.44
C THR D 54 -25.86 -6.83 -0.17
N GLY D 55 -25.80 -5.50 -0.25
CA GLY D 55 -25.84 -4.67 0.93
C GLY D 55 -24.51 -4.51 1.64
N ASP D 56 -23.44 -5.11 1.12
CA ASP D 56 -22.13 -4.97 1.72
C ASP D 56 -21.63 -3.53 1.62
N ILE D 57 -21.08 -3.01 2.72
CA ILE D 57 -20.62 -1.63 2.81
C ILE D 57 -19.12 -1.64 3.00
N GLN D 58 -18.42 -0.76 2.27
CA GLN D 58 -16.99 -0.59 2.37
C GLN D 58 -16.67 0.88 2.61
N ALA D 59 -15.53 1.13 3.26
CA ALA D 59 -14.96 2.47 3.38
C ALA D 59 -13.88 2.64 2.32
N THR D 60 -13.82 3.83 1.73
CA THR D 60 -12.94 4.09 0.59
C THR D 60 -11.64 4.77 0.99
N LYS D 61 -11.51 5.15 2.26
CA LYS D 61 -10.42 5.98 2.71
C LYS D 61 -10.11 5.62 4.15
N ARG D 62 -8.82 5.75 4.51
CA ARG D 62 -8.41 5.67 5.89
C ARG D 62 -9.12 6.73 6.73
N LEU D 63 -9.73 6.32 7.83
CA LEU D 63 -10.50 7.23 8.67
C LEU D 63 -9.81 7.43 10.01
N ASP D 64 -9.98 8.63 10.56
CA ASP D 64 -9.30 9.06 11.78
C ASP D 64 -10.36 9.41 12.81
N ARG D 65 -10.45 8.62 13.88
CA ARG D 65 -11.46 8.85 14.91
C ARG D 65 -11.34 10.26 15.49
N GLU D 66 -10.10 10.73 15.67
CA GLU D 66 -9.90 12.05 16.26
C GLU D 66 -10.37 13.17 15.36
N GLU D 67 -10.49 12.90 14.05
CA GLU D 67 -11.03 13.89 13.12
C GLU D 67 -12.55 13.85 13.10
N LYS D 68 -13.13 12.66 13.09
CA LYS D 68 -14.58 12.49 13.10
C LYS D 68 -14.90 11.10 13.64
N PRO D 69 -15.66 10.99 14.74
CA PRO D 69 -15.83 9.68 15.38
C PRO D 69 -17.08 8.90 14.98
N VAL D 70 -18.06 9.55 14.37
CA VAL D 70 -19.34 8.90 14.06
CA VAL D 70 -19.32 8.89 14.04
C VAL D 70 -19.90 9.48 12.76
N TYR D 71 -20.55 8.63 11.98
CA TYR D 71 -21.23 9.04 10.76
C TYR D 71 -22.66 8.54 10.81
N ILE D 72 -23.60 9.40 10.42
CA ILE D 72 -25.02 9.07 10.38
CA ILE D 72 -25.02 9.06 10.39
C ILE D 72 -25.42 8.84 8.94
N LEU D 73 -25.87 7.62 8.64
CA LEU D 73 -26.29 7.26 7.30
C LEU D 73 -27.73 6.76 7.32
N ARG D 74 -28.26 6.52 6.13
CA ARG D 74 -29.63 6.02 5.98
C ARG D 74 -29.62 4.85 5.00
N ALA D 75 -30.35 3.80 5.36
CA ALA D 75 -30.48 2.61 4.55
C ALA D 75 -31.86 2.59 3.89
N GLN D 76 -31.88 2.28 2.59
CA GLN D 76 -33.14 2.12 1.87
C GLN D 76 -33.04 0.91 0.95
N ALA D 77 -34.21 0.40 0.57
CA ALA D 77 -34.29 -0.81 -0.24
C ALA D 77 -35.46 -0.68 -1.20
N VAL D 78 -35.22 -0.89 -2.49
CA VAL D 78 -36.22 -0.72 -3.53
C VAL D 78 -36.36 -2.00 -4.33
N ASN D 79 -37.57 -2.23 -4.84
CA ASN D 79 -37.85 -3.38 -5.69
C ASN D 79 -37.62 -3.00 -7.14
N ARG D 80 -36.69 -3.70 -7.79
CA ARG D 80 -36.36 -3.41 -9.19
C ARG D 80 -37.57 -3.58 -10.10
N ARG D 81 -38.31 -4.69 -9.93
CA ARG D 81 -39.39 -5.00 -10.85
C ARG D 81 -40.63 -4.15 -10.65
N THR D 82 -40.75 -3.46 -9.51
CA THR D 82 -41.87 -2.55 -9.27
C THR D 82 -41.44 -1.09 -9.17
N GLY D 83 -40.15 -0.83 -8.96
CA GLY D 83 -39.67 0.51 -8.69
C GLY D 83 -40.12 1.09 -7.36
N ARG D 84 -40.92 0.35 -6.58
CA ARG D 84 -41.38 0.89 -5.30
C ARG D 84 -40.45 0.48 -4.17
N PRO D 85 -40.33 1.30 -3.12
CA PRO D 85 -39.55 0.88 -1.95
C PRO D 85 -40.17 -0.32 -1.26
N VAL D 86 -39.33 -1.12 -0.61
CA VAL D 86 -39.81 -2.27 0.16
C VAL D 86 -39.52 -2.14 1.65
N GLU D 87 -38.60 -1.29 2.06
CA GLU D 87 -38.35 -1.04 3.47
C GLU D 87 -38.55 0.43 3.77
N PRO D 88 -38.84 0.78 5.03
CA PRO D 88 -38.81 2.19 5.41
C PRO D 88 -37.38 2.68 5.52
N GLU D 89 -37.14 3.89 5.03
CA GLU D 89 -35.85 4.54 5.26
C GLU D 89 -35.48 4.42 6.73
N SER D 90 -34.23 4.06 6.99
CA SER D 90 -33.81 3.77 8.36
C SER D 90 -32.39 4.27 8.61
N GLU D 91 -32.24 5.07 9.65
CA GLU D 91 -30.92 5.59 10.02
CA GLU D 91 -30.94 5.60 10.03
C GLU D 91 -30.10 4.54 10.73
N PHE D 92 -28.78 4.63 10.55
CA PHE D 92 -27.82 3.82 11.29
C PHE D 92 -26.54 4.63 11.40
N ILE D 93 -25.66 4.22 12.30
CA ILE D 93 -24.40 4.94 12.49
C ILE D 93 -23.23 4.02 12.17
N ILE D 94 -22.19 4.62 11.62
CA ILE D 94 -20.88 3.98 11.52
C ILE D 94 -20.01 4.65 12.57
N LYS D 95 -19.60 3.89 13.58
CA LYS D 95 -18.81 4.39 14.69
C LYS D 95 -17.35 4.01 14.48
N ILE D 96 -16.47 4.99 14.55
CA ILE D 96 -15.05 4.80 14.31
C ILE D 96 -14.38 4.43 15.63
N HIS D 97 -13.76 3.25 15.66
CA HIS D 97 -13.20 2.73 16.91
C HIS D 97 -11.74 3.16 17.09
N ASP D 98 -11.40 3.52 18.32
CA ASP D 98 -10.11 4.14 18.64
C ASP D 98 -8.96 3.12 18.64
N ILE D 99 -7.79 3.56 18.17
CA ILE D 99 -6.51 2.96 18.52
C ILE D 99 -5.67 4.06 19.19
N ASN D 100 -4.66 3.63 19.95
CA ASN D 100 -3.78 4.59 20.63
C ASN D 100 -2.74 5.09 19.65
N ASP D 101 -3.05 6.17 18.94
CA ASP D 101 -2.12 6.75 17.96
C ASP D 101 -1.81 8.22 18.22
N ASN D 102 -2.17 8.75 19.39
CA ASN D 102 -1.80 10.11 19.77
C ASN D 102 -0.99 10.08 21.06
N GLU D 103 0.15 10.73 21.04
CA GLU D 103 0.97 10.86 22.24
C GLU D 103 0.52 12.05 23.06
N PRO D 104 0.80 12.06 24.36
CA PRO D 104 0.51 13.23 25.17
C PRO D 104 1.19 14.48 24.61
N ILE D 105 0.47 15.58 24.58
CA ILE D 105 0.97 16.85 24.06
C ILE D 105 0.85 17.88 25.18
N PHE D 106 1.99 18.45 25.55
CA PHE D 106 2.00 19.46 26.60
C PHE D 106 1.45 20.78 26.07
N THR D 107 0.72 21.48 26.93
CA THR D 107 0.15 22.76 26.54
C THR D 107 1.23 23.78 26.18
N LYS D 108 2.45 23.59 26.70
CA LYS D 108 3.59 24.41 26.32
C LYS D 108 4.82 23.53 26.19
N ASP D 109 5.63 23.81 25.17
CA ASP D 109 6.95 23.18 25.08
C ASP D 109 7.90 23.75 26.12
N VAL D 110 7.68 25.00 26.53
CA VAL D 110 8.49 25.67 27.53
C VAL D 110 7.56 26.33 28.52
N TYR D 111 7.62 25.90 29.78
CA TYR D 111 6.94 26.58 30.87
C TYR D 111 7.94 27.44 31.63
N THR D 112 7.45 28.54 32.19
CA THR D 112 8.28 29.47 32.95
C THR D 112 7.65 29.66 34.32
N ALA D 113 8.46 29.53 35.37
CA ALA D 113 7.96 29.58 36.74
C ALA D 113 9.04 30.11 37.65
N THR D 114 8.63 30.50 38.86
CA THR D 114 9.56 30.93 39.89
C THR D 114 9.10 30.35 41.22
N VAL D 115 10.05 30.26 42.16
CA VAL D 115 9.75 29.77 43.50
C VAL D 115 10.76 30.40 44.46
N PRO D 116 10.33 30.85 45.64
CA PRO D 116 11.29 31.46 46.57
C PRO D 116 12.32 30.45 47.05
N GLU D 117 13.57 30.89 47.13
CA GLU D 117 14.68 29.97 47.38
C GLU D 117 14.49 29.17 48.66
N MET D 118 13.88 29.75 49.68
CA MET D 118 13.82 29.15 51.01
C MET D 118 12.41 28.72 51.38
N ALA D 119 11.66 28.19 50.41
CA ALA D 119 10.30 27.75 50.66
C ALA D 119 10.27 26.40 51.35
N ASP D 120 9.17 26.14 52.06
CA ASP D 120 8.97 24.83 52.68
C ASP D 120 8.97 23.73 51.61
N VAL D 121 9.43 22.55 52.00
CA VAL D 121 9.35 21.41 51.10
C VAL D 121 7.90 21.18 50.73
N GLY D 122 7.67 20.89 49.45
CA GLY D 122 6.32 20.69 48.96
C GLY D 122 5.62 21.95 48.51
N THR D 123 6.33 23.06 48.40
CA THR D 123 5.72 24.30 47.90
C THR D 123 5.40 24.17 46.42
N PHE D 124 4.22 24.66 46.05
CA PHE D 124 3.79 24.63 44.66
C PHE D 124 4.72 25.47 43.79
N VAL D 125 5.09 24.92 42.62
CA VAL D 125 5.93 25.61 41.65
C VAL D 125 5.15 25.93 40.39
N VAL D 126 4.68 24.90 39.69
CA VAL D 126 3.89 25.08 38.48
C VAL D 126 3.21 23.75 38.14
N GLN D 127 2.09 23.81 37.46
CA GLN D 127 1.42 22.61 36.97
C GLN D 127 1.59 22.57 35.46
N VAL D 128 2.17 21.47 34.96
CA VAL D 128 2.22 21.22 33.54
C VAL D 128 1.10 20.24 33.19
N THR D 129 0.66 20.27 31.94
CA THR D 129 -0.45 19.45 31.49
C THR D 129 -0.16 18.95 30.08
N ALA D 130 -0.29 17.64 29.90
CA ALA D 130 -0.20 17.02 28.59
C ALA D 130 -1.54 16.37 28.28
N THR D 131 -2.21 16.88 27.24
CA THR D 131 -3.49 16.32 26.82
C THR D 131 -3.27 15.19 25.83
N ASP D 132 -4.24 14.29 25.74
CA ASP D 132 -4.14 13.12 24.89
C ASP D 132 -5.43 13.00 24.09
N ALA D 133 -5.30 13.03 22.76
CA ALA D 133 -6.45 13.11 21.88
C ALA D 133 -7.16 11.77 21.66
N ASP D 134 -6.65 10.67 22.20
CA ASP D 134 -7.30 9.38 22.00
C ASP D 134 -8.54 9.27 22.89
N ASP D 135 -9.25 8.15 22.75
CA ASP D 135 -10.55 7.95 23.38
C ASP D 135 -10.41 7.67 24.88
N PRO D 136 -10.87 8.57 25.76
CA PRO D 136 -10.74 8.31 27.20
C PRO D 136 -11.63 7.17 27.69
N THR D 137 -12.62 6.75 26.92
CA THR D 137 -13.60 5.77 27.38
C THR D 137 -13.26 4.34 27.01
N TYR D 138 -12.19 4.12 26.24
N TYR D 138 -12.19 4.12 26.24
CA TYR D 138 -11.80 2.76 25.86
CA TYR D 138 -11.78 2.79 25.84
C TYR D 138 -10.32 2.58 26.14
C TYR D 138 -10.29 2.61 26.17
N GLY D 139 -10.00 1.65 27.03
CA GLY D 139 -8.63 1.35 27.36
C GLY D 139 -7.94 2.51 28.03
N ASN D 140 -6.61 2.44 28.03
CA ASN D 140 -5.75 3.43 28.68
C ASN D 140 -5.04 4.33 27.68
N SER D 141 -5.55 4.38 26.44
CA SER D 141 -4.89 5.15 25.38
C SER D 141 -4.78 6.63 25.72
N ALA D 142 -5.69 7.15 26.55
CA ALA D 142 -5.68 8.57 26.91
C ALA D 142 -5.42 8.79 28.40
N LYS D 143 -4.87 7.79 29.08
CA LYS D 143 -4.58 7.89 30.52
C LYS D 143 -3.12 8.25 30.69
N VAL D 144 -2.87 9.46 31.17
CA VAL D 144 -1.55 10.08 31.22
C VAL D 144 -1.02 10.05 32.64
N VAL D 145 0.27 9.75 32.78
CA VAL D 145 0.97 9.81 34.05
C VAL D 145 2.24 10.64 33.87
N TYR D 146 2.58 11.44 34.87
CA TYR D 146 3.76 12.30 34.82
C TYR D 146 4.85 11.75 35.72
N SER D 147 6.09 11.86 35.26
CA SER D 147 7.26 11.55 36.06
C SER D 147 8.32 12.61 35.82
N ILE D 148 9.27 12.73 36.74
CA ILE D 148 10.39 13.65 36.59
C ILE D 148 11.53 12.90 35.93
N LEU D 149 12.00 13.42 34.80
CA LEU D 149 13.22 12.91 34.20
C LEU D 149 14.45 13.69 34.65
N GLN D 150 14.27 14.96 35.01
CA GLN D 150 15.37 15.82 35.42
C GLN D 150 14.86 16.82 36.44
N GLY D 151 15.68 17.13 37.43
CA GLY D 151 15.34 18.07 38.48
C GLY D 151 15.21 17.46 39.85
N GLN D 152 15.24 16.13 39.96
CA GLN D 152 15.28 15.47 41.26
C GLN D 152 16.71 15.54 41.79
N PRO D 153 16.89 15.48 43.12
CA PRO D 153 15.86 15.34 44.17
C PRO D 153 15.24 16.67 44.58
N TYR D 154 15.46 17.71 43.78
CA TYR D 154 15.03 19.05 44.14
C TYR D 154 13.51 19.19 44.04
N PHE D 155 12.90 18.62 43.01
CA PHE D 155 11.47 18.75 42.79
C PHE D 155 10.84 17.38 42.58
N SER D 156 9.56 17.30 42.91
CA SER D 156 8.73 16.13 42.67
C SER D 156 7.59 16.52 41.75
N VAL D 157 6.90 15.50 41.23
CA VAL D 157 5.73 15.70 40.38
CA VAL D 157 5.74 15.70 40.38
C VAL D 157 4.66 14.72 40.82
N GLU D 158 3.44 15.21 40.94
CA GLU D 158 2.32 14.31 41.23
C GLU D 158 2.00 13.53 39.96
N SER D 159 2.06 12.20 40.06
CA SER D 159 1.94 11.37 38.86
C SER D 159 0.64 11.62 38.12
N GLU D 160 -0.42 11.98 38.83
CA GLU D 160 -1.74 12.12 38.22
C GLU D 160 -2.03 13.54 37.72
N THR D 161 -1.37 14.55 38.29
CA THR D 161 -1.77 15.94 38.08
C THR D 161 -0.73 16.80 37.39
N GLY D 162 0.53 16.35 37.31
CA GLY D 162 1.58 17.19 36.75
C GLY D 162 1.97 18.36 37.60
N ILE D 163 1.56 18.40 38.88
CA ILE D 163 1.90 19.50 39.76
C ILE D 163 3.34 19.31 40.23
N ILE D 164 4.19 20.27 39.91
CA ILE D 164 5.59 20.25 40.33
C ILE D 164 5.70 20.98 41.66
N LYS D 165 6.31 20.32 42.64
CA LYS D 165 6.48 20.88 43.98
C LYS D 165 7.93 20.79 44.38
N THR D 166 8.34 21.66 45.31
CA THR D 166 9.69 21.59 45.85
C THR D 166 9.85 20.35 46.73
N ALA D 167 11.03 19.75 46.67
CA ALA D 167 11.32 18.58 47.48
C ALA D 167 12.53 18.85 48.37
N LEU D 168 13.73 18.60 47.87
CA LEU D 168 14.97 18.80 48.62
C LEU D 168 15.77 19.97 48.06
N LEU D 169 15.08 21.04 47.65
CA LEU D 169 15.78 22.22 47.15
C LEU D 169 16.36 23.06 48.27
N ASN D 170 15.74 23.02 49.45
CA ASN D 170 16.30 23.73 50.60
C ASN D 170 17.61 23.12 51.05
N MET D 171 17.81 21.82 50.80
N MET D 171 17.81 21.82 50.80
CA MET D 171 19.04 21.12 51.14
CA MET D 171 19.05 21.14 51.16
C MET D 171 20.12 21.29 50.07
C MET D 171 20.11 21.27 50.07
N ASP D 172 20.05 22.34 49.27
CA ASP D 172 21.05 22.60 48.24
C ASP D 172 21.94 23.73 48.72
N ARG D 173 23.14 23.38 49.21
CA ARG D 173 24.10 24.37 49.64
C ARG D 173 24.79 25.08 48.48
N GLU D 174 24.66 24.55 47.27
CA GLU D 174 25.13 25.23 46.06
C GLU D 174 24.08 26.26 45.66
N ASN D 175 24.23 27.49 46.14
CA ASN D 175 23.26 28.54 45.86
C ASN D 175 23.20 28.82 44.37
N ARG D 176 22.26 28.18 43.67
CA ARG D 176 22.03 28.40 42.25
C ARG D 176 20.84 29.32 42.06
N GLU D 177 20.89 30.12 40.99
CA GLU D 177 19.83 31.05 40.67
C GLU D 177 18.93 30.58 39.53
N GLN D 178 19.27 29.48 38.88
CA GLN D 178 18.50 28.99 37.73
C GLN D 178 18.43 27.47 37.77
N TYR D 179 17.28 26.93 37.39
CA TYR D 179 17.04 25.50 37.36
C TYR D 179 16.20 25.13 36.15
N GLN D 180 16.29 23.87 35.73
CA GLN D 180 15.52 23.37 34.60
C GLN D 180 15.03 21.97 34.92
N VAL D 181 13.71 21.81 34.91
CA VAL D 181 13.07 20.53 35.16
C VAL D 181 12.51 20.00 33.85
N VAL D 182 12.57 18.69 33.68
CA VAL D 182 11.99 18.02 32.52
C VAL D 182 10.96 17.02 33.01
N ILE D 183 9.75 17.12 32.49
CA ILE D 183 8.66 16.22 32.83
C ILE D 183 8.37 15.34 31.63
N GLN D 184 8.12 14.07 31.90
CA GLN D 184 7.62 13.15 30.89
C GLN D 184 6.14 12.89 31.16
N ALA D 185 5.36 12.84 30.09
CA ALA D 185 3.97 12.41 30.15
C ALA D 185 3.85 11.16 29.28
N LYS D 186 3.28 10.10 29.85
CA LYS D 186 3.18 8.81 29.18
C LYS D 186 1.76 8.29 29.29
N ASP D 187 1.19 7.84 28.17
CA ASP D 187 -0.17 7.33 28.18
C ASP D 187 -0.14 5.84 28.53
N MET D 188 -1.25 5.13 28.29
CA MET D 188 -1.38 3.74 28.74
C MET D 188 -1.06 3.63 30.23
N GLY D 189 -1.55 4.60 31.00
CA GLY D 189 -1.33 4.61 32.44
C GLY D 189 0.11 4.53 32.85
N GLY D 190 1.04 4.81 31.93
CA GLY D 190 2.45 4.69 32.20
C GLY D 190 3.03 3.33 31.89
N GLN D 191 2.20 2.36 31.52
CA GLN D 191 2.69 1.00 31.30
C GLN D 191 3.59 0.95 30.06
N MET D 192 4.48 -0.04 30.05
CA MET D 192 5.39 -0.23 28.94
C MET D 192 4.64 -0.27 27.62
N GLY D 193 5.23 0.34 26.58
CA GLY D 193 4.65 0.37 25.26
C GLY D 193 3.87 1.63 24.93
N GLY D 194 3.43 2.37 25.94
CA GLY D 194 2.68 3.58 25.69
C GLY D 194 3.51 4.66 25.02
N LEU D 195 2.80 5.64 24.46
CA LEU D 195 3.42 6.81 23.84
C LEU D 195 3.67 7.89 24.88
N SER D 196 4.60 8.79 24.58
CA SER D 196 5.07 9.74 25.57
C SER D 196 5.36 11.10 24.94
N GLY D 197 5.31 12.14 25.79
CA GLY D 197 5.82 13.44 25.44
C GLY D 197 6.59 14.02 26.61
N THR D 198 7.32 15.10 26.34
CA THR D 198 8.10 15.76 27.37
C THR D 198 7.96 17.27 27.24
N THR D 199 8.30 17.97 28.32
CA THR D 199 8.32 19.43 28.30
C THR D 199 9.47 19.91 29.17
N THR D 200 9.84 21.17 28.99
CA THR D 200 10.88 21.82 29.77
C THR D 200 10.28 22.94 30.59
N VAL D 201 10.75 23.06 31.83
CA VAL D 201 10.23 24.04 32.77
C VAL D 201 11.43 24.83 33.32
N ASN D 202 11.49 26.12 32.98
CA ASN D 202 12.57 26.99 33.45
C ASN D 202 12.12 27.66 34.74
N ILE D 203 12.85 27.41 35.82
CA ILE D 203 12.48 27.86 37.15
C ILE D 203 13.54 28.83 37.65
N THR D 204 13.12 30.02 38.05
CA THR D 204 14.00 31.03 38.63
C THR D 204 13.69 31.19 40.11
N LEU D 205 14.75 31.30 40.92
CA LEU D 205 14.60 31.45 42.36
C LEU D 205 14.49 32.93 42.73
N THR D 206 13.67 33.20 43.74
CA THR D 206 13.35 34.56 44.15
C THR D 206 13.56 34.71 45.65
N ASP D 207 13.59 35.97 46.10
CA ASP D 207 13.76 36.29 47.51
C ASP D 207 12.42 36.61 48.16
#